data_6I6N
#
_entry.id   6I6N
#
_cell.length_a   68.249
_cell.length_b   75.921
_cell.length_c   76.552
_cell.angle_alpha   90.00
_cell.angle_beta   101.49
_cell.angle_gamma   90.00
#
_symmetry.space_group_name_H-M   'P 1 21 1'
#
loop_
_entity.id
_entity.type
_entity.pdbx_description
1 polymer 'O-methyltransferase 1'
2 non-polymer (13aS)-3,10-dimethoxy-5,8,13,13a-tetrahydro-6H-isoquino[3,2-a]isoquinoline-2,9-diol
3 non-polymer S-ADENOSYL-L-HOMOCYSTEINE
4 water water
#
_entity_poly.entity_id   1
_entity_poly.type   'polypeptide(L)'
_entity_poly.pdbx_seq_one_letter_code
;GPAMATNGEIFNTYGHNHQSATVTKITASNESSNGVCYLSETANLGKLICIPMALRAAMELNVFQLISKFGTDAKVSASE
IASKMPNAKNNPEAAMYLDRILRLLGASSILSVSTTAASINRGGDDVVVHEKLYGLTNSSCCLVPRQEDGVSLVEELLFT
SDKVVVDSFFKLKCVVEEKDSVPFEVAHGAKIFEYAATEPRMNQVFNDGMAVFSIVVFEAVFRVYDGFLDMKELLDVGGG
IGTSVSKIVAKYPLIRGVNFDLPHVISVAPQYPGVEHVAGDMFEEVPKGQNMLLKWVLHAWGDERCVKLLKNCWNSLPVG
GKVLIIEFVLPNELGNNAESFNALIPDLLLMALNPGGKERTISEYDDLGKAAGFIKTIPIPISNGLHVIEFHK
;
_entity_poly.pdbx_strand_id   A,B
#
loop_
_chem_comp.id
_chem_comp.type
_chem_comp.name
_chem_comp.formula
SAH non-polymer S-ADENOSYL-L-HOMOCYSTEINE 'C14 H20 N6 O5 S'
SLX non-polymer (13aS)-3,10-dimethoxy-5,8,13,13a-tetrahydro-6H-isoquino[3,2-a]isoquinoline-2,9-diol 'C19 H21 N O4'
#
# COMPACT_ATOMS: atom_id res chain seq x y z
N CYS A 37 -13.90 10.52 15.41
CA CYS A 37 -15.05 10.55 14.49
C CYS A 37 -14.76 9.55 13.33
N TYR A 38 -15.51 8.44 13.28
CA TYR A 38 -15.25 7.38 12.29
C TYR A 38 -15.17 7.95 10.87
N LEU A 39 -16.10 8.83 10.49
CA LEU A 39 -16.19 9.29 9.10
C LEU A 39 -15.18 10.40 8.78
N SER A 40 -14.37 10.81 9.71
CA SER A 40 -13.16 11.59 9.40
C SER A 40 -12.01 10.61 9.19
N GLU A 41 -11.97 9.56 10.01
CA GLU A 41 -10.82 8.67 9.94
C GLU A 41 -10.95 7.73 8.75
N THR A 42 -12.13 7.50 8.22
CA THR A 42 -12.25 6.70 7.00
C THR A 42 -11.38 7.26 5.88
N ALA A 43 -11.26 8.57 5.76
CA ALA A 43 -10.47 9.20 4.69
C ALA A 43 -8.98 8.95 4.96
N ASN A 44 -8.55 9.13 6.20
CA ASN A 44 -7.12 9.03 6.53
C ASN A 44 -6.63 7.58 6.35
N LEU A 45 -7.42 6.62 6.74
CA LEU A 45 -7.01 5.22 6.68
C LEU A 45 -7.29 4.58 5.33
N GLY A 46 -8.42 4.92 4.73
CA GLY A 46 -8.82 4.23 3.51
C GLY A 46 -7.96 4.61 2.33
N LYS A 47 -7.30 5.76 2.35
CA LYS A 47 -6.47 6.18 1.22
C LYS A 47 -5.14 5.43 1.19
N LEU A 48 -4.78 4.75 2.28
CA LEU A 48 -3.41 4.19 2.37
C LEU A 48 -3.16 3.14 1.29
N ILE A 49 -4.12 2.27 0.99
CA ILE A 49 -3.89 1.26 -0.08
C ILE A 49 -4.06 1.90 -1.44
N CYS A 50 -4.89 2.93 -1.55
CA CYS A 50 -5.25 3.48 -2.88
C CYS A 50 -4.09 4.26 -3.50
N ILE A 51 -3.40 5.07 -2.69
CA ILE A 51 -2.35 5.94 -3.23
C ILE A 51 -1.26 5.12 -3.92
N PRO A 52 -0.65 4.09 -3.29
CA PRO A 52 0.42 3.39 -3.96
C PRO A 52 -0.03 2.70 -5.24
N MET A 53 -1.25 2.21 -5.26
CA MET A 53 -1.73 1.47 -6.46
C MET A 53 -2.03 2.47 -7.59
N ALA A 54 -2.55 3.66 -7.28
CA ALA A 54 -2.69 4.74 -8.28
C ALA A 54 -1.31 5.12 -8.80
N LEU A 55 -0.34 5.26 -7.89
CA LEU A 55 1.03 5.64 -8.31
C LEU A 55 1.59 4.57 -9.25
N ARG A 56 1.45 3.31 -8.93
CA ARG A 56 2.00 2.24 -9.77
C ARG A 56 1.36 2.37 -11.17
N ALA A 57 0.05 2.56 -11.24
CA ALA A 57 -0.62 2.67 -12.55
C ALA A 57 -0.07 3.86 -13.34
N ALA A 58 0.12 5.00 -12.67
CA ALA A 58 0.63 6.19 -13.35
C ALA A 58 2.06 5.93 -13.85
N MET A 59 2.89 5.25 -13.08
CA MET A 59 4.26 4.94 -13.55
C MET A 59 4.16 3.97 -14.73
N GLU A 60 3.32 2.95 -14.65
CA GLU A 60 3.24 1.98 -15.78
C GLU A 60 2.71 2.61 -17.07
N LEU A 61 1.87 3.65 -16.92
CA LEU A 61 1.33 4.44 -18.05
C LEU A 61 2.31 5.53 -18.49
N ASN A 62 3.44 5.70 -17.81
CA ASN A 62 4.50 6.70 -18.07
CA ASN A 62 4.42 6.70 -18.28
C ASN A 62 3.93 8.12 -18.02
N VAL A 63 3.04 8.34 -17.07
CA VAL A 63 2.39 9.67 -16.98
C VAL A 63 3.37 10.80 -16.72
N PHE A 64 4.32 10.55 -15.84
CA PHE A 64 5.19 11.64 -15.38
C PHE A 64 6.11 12.05 -16.57
N GLN A 65 6.68 11.10 -17.29
CA GLN A 65 7.52 11.41 -18.48
C GLN A 65 6.63 12.11 -19.54
N LEU A 66 5.38 11.68 -19.72
CA LEU A 66 4.53 12.32 -20.74
C LEU A 66 4.25 13.75 -20.37
N ILE A 67 3.98 14.08 -19.09
CA ILE A 67 3.83 15.48 -18.68
C ILE A 67 5.15 16.20 -18.99
N SER A 68 6.28 15.63 -18.66
CA SER A 68 7.63 16.28 -18.79
C SER A 68 7.94 16.61 -20.27
N LYS A 69 7.41 15.87 -21.24
CA LYS A 69 7.71 16.11 -22.68
C LYS A 69 6.92 17.30 -23.20
N PHE A 70 5.96 17.82 -22.45
CA PHE A 70 5.35 19.14 -22.71
C PHE A 70 6.24 20.28 -22.14
N GLY A 71 7.28 19.94 -21.38
CA GLY A 71 8.07 20.89 -20.59
C GLY A 71 8.04 20.44 -19.14
N THR A 72 9.12 20.61 -18.40
CA THR A 72 9.14 20.22 -16.97
C THR A 72 8.15 21.08 -16.14
N ASP A 73 7.91 22.35 -16.58
CA ASP A 73 7.02 23.32 -15.87
C ASP A 73 5.59 23.22 -16.41
N ALA A 74 5.33 22.33 -17.32
CA ALA A 74 4.02 22.27 -17.99
C ALA A 74 2.91 21.80 -17.04
N LYS A 75 1.72 22.25 -17.33
CA LYS A 75 0.49 21.87 -16.61
C LYS A 75 -0.49 21.44 -17.72
N VAL A 76 -0.80 20.14 -17.74
CA VAL A 76 -1.52 19.53 -18.87
C VAL A 76 -2.67 18.67 -18.39
N SER A 77 -3.69 18.61 -19.22
CA SER A 77 -4.92 17.88 -18.86
C SER A 77 -4.74 16.38 -19.07
N ALA A 78 -5.67 15.62 -18.51
CA ALA A 78 -5.71 14.19 -18.76
C ALA A 78 -5.84 13.88 -20.24
N SER A 79 -6.68 14.64 -20.96
CA SER A 79 -6.86 14.34 -22.40
CA SER A 79 -6.88 14.42 -22.42
CA SER A 79 -6.87 14.43 -22.42
C SER A 79 -5.56 14.63 -23.18
N GLU A 80 -4.81 15.66 -22.81
CA GLU A 80 -3.51 15.93 -23.46
C GLU A 80 -2.54 14.77 -23.18
N ILE A 81 -2.49 14.32 -21.94
CA ILE A 81 -1.62 13.17 -21.60
C ILE A 81 -2.05 11.92 -22.37
N ALA A 82 -3.34 11.59 -22.35
CA ALA A 82 -3.83 10.39 -23.05
C ALA A 82 -3.54 10.45 -24.55
N SER A 83 -3.55 11.65 -25.16
CA SER A 83 -3.28 11.81 -26.59
C SER A 83 -1.86 11.32 -26.94
N LYS A 84 -0.97 11.21 -25.96
CA LYS A 84 0.43 10.74 -26.13
C LYS A 84 0.60 9.26 -25.81
N MET A 85 -0.49 8.58 -25.55
CA MET A 85 -0.49 7.14 -25.28
C MET A 85 -1.09 6.43 -26.51
N PRO A 86 -0.29 5.85 -27.41
CA PRO A 86 -0.87 5.13 -28.55
C PRO A 86 -1.86 4.02 -28.20
N ASN A 87 -1.68 3.40 -27.05
CA ASN A 87 -2.57 2.29 -26.64
C ASN A 87 -3.97 2.81 -26.35
N ALA A 88 -4.14 4.09 -26.03
CA ALA A 88 -5.44 4.69 -25.69
C ALA A 88 -6.18 5.28 -26.92
N LYS A 89 -5.58 5.20 -28.11
CA LYS A 89 -6.06 6.03 -29.21
C LYS A 89 -7.46 5.61 -29.70
N ASN A 90 -7.89 4.40 -29.44
CA ASN A 90 -9.26 3.93 -29.83
C ASN A 90 -10.18 3.81 -28.61
N ASN A 91 -9.85 4.51 -27.52
CA ASN A 91 -10.58 4.42 -26.24
C ASN A 91 -11.06 5.84 -25.91
N PRO A 92 -12.30 6.20 -26.30
CA PRO A 92 -12.83 7.52 -26.00
C PRO A 92 -12.85 7.82 -24.50
N GLU A 93 -12.97 6.81 -23.67
CA GLU A 93 -13.11 6.98 -22.21
C GLU A 93 -11.76 7.03 -21.50
N ALA A 94 -10.65 6.87 -22.22
CA ALA A 94 -9.33 6.79 -21.56
C ALA A 94 -9.04 8.00 -20.70
N ALA A 95 -9.25 9.19 -21.25
CA ALA A 95 -8.90 10.39 -20.50
C ALA A 95 -9.70 10.50 -19.20
N MET A 96 -10.97 10.16 -19.24
CA MET A 96 -11.81 10.28 -18.03
C MET A 96 -11.30 9.29 -16.98
N TYR A 97 -10.94 8.09 -17.36
CA TYR A 97 -10.38 7.13 -16.39
C TYR A 97 -9.04 7.64 -15.87
N LEU A 98 -8.22 8.14 -16.79
CA LEU A 98 -6.90 8.65 -16.37
C LEU A 98 -7.05 9.80 -15.37
N ASP A 99 -8.01 10.68 -15.62
CA ASP A 99 -8.28 11.80 -14.72
C ASP A 99 -8.65 11.32 -13.31
N ARG A 100 -9.36 10.21 -13.22
CA ARG A 100 -9.72 9.67 -11.91
C ARG A 100 -8.50 9.17 -11.15
N ILE A 101 -7.52 8.63 -11.87
CA ILE A 101 -6.25 8.23 -11.21
C ILE A 101 -5.50 9.49 -10.79
N LEU A 102 -5.35 10.42 -11.72
CA LEU A 102 -4.48 11.60 -11.49
C LEU A 102 -5.04 12.51 -10.40
N ARG A 103 -6.36 12.62 -10.28
CA ARG A 103 -6.88 13.51 -9.25
C ARG A 103 -6.57 12.99 -7.85
N LEU A 104 -6.45 11.69 -7.67
CA LEU A 104 -6.05 11.14 -6.35
C LEU A 104 -4.59 11.49 -6.10
N LEU A 105 -3.75 11.36 -7.11
CA LEU A 105 -2.34 11.71 -6.94
C LEU A 105 -2.17 13.23 -6.72
N GLY A 106 -3.02 14.03 -7.34
CA GLY A 106 -3.04 15.47 -7.09
C GLY A 106 -3.48 15.85 -5.69
N ALA A 107 -4.36 15.04 -5.10
CA ALA A 107 -4.84 15.25 -3.72
C ALA A 107 -3.74 14.79 -2.74
N SER A 108 -2.80 14.01 -3.20
CA SER A 108 -1.78 13.36 -2.36
C SER A 108 -0.39 13.96 -2.55
N SER A 109 -0.34 15.14 -3.16
CA SER A 109 0.88 15.96 -3.40
C SER A 109 1.93 15.28 -4.31
N ILE A 110 1.55 14.30 -5.11
CA ILE A 110 2.44 13.67 -6.12
C ILE A 110 2.35 14.48 -7.40
N LEU A 111 1.20 15.05 -7.73
CA LEU A 111 1.00 16.00 -8.85
C LEU A 111 0.43 17.29 -8.31
N SER A 112 0.70 18.37 -9.01
CA SER A 112 0.00 19.64 -8.77
C SER A 112 -1.29 19.61 -9.59
N VAL A 113 -2.31 20.29 -9.13
CA VAL A 113 -3.61 20.39 -9.81
C VAL A 113 -3.98 21.86 -9.90
N SER A 114 -4.45 22.25 -11.05
CA SER A 114 -4.86 23.65 -11.28
C SER A 114 -5.98 23.73 -12.32
N THR A 115 -6.68 24.85 -12.29
CA THR A 115 -7.86 25.11 -13.16
C THR A 115 -7.41 26.05 -14.29
N THR A 116 -7.90 25.85 -15.51
CA THR A 116 -7.67 26.80 -16.64
C THR A 116 -8.80 27.83 -16.67
N HIS A 130 -14.06 21.40 -18.23
CA HIS A 130 -14.17 20.63 -16.95
C HIS A 130 -12.81 20.17 -16.47
N GLU A 131 -11.89 19.86 -17.39
CA GLU A 131 -10.58 19.22 -17.11
C GLU A 131 -9.62 20.12 -16.30
N LYS A 132 -9.16 19.56 -15.20
CA LYS A 132 -8.06 20.15 -14.47
C LYS A 132 -6.75 19.90 -15.20
N LEU A 133 -5.76 20.68 -14.85
CA LEU A 133 -4.42 20.56 -15.39
C LEU A 133 -3.49 20.00 -14.31
N TYR A 134 -2.62 19.10 -14.69
CA TYR A 134 -1.69 18.44 -13.77
C TYR A 134 -0.26 18.83 -14.11
N GLY A 135 0.52 19.03 -13.07
CA GLY A 135 1.94 19.32 -13.18
C GLY A 135 2.79 18.46 -12.28
N LEU A 136 4.06 18.43 -12.55
CA LEU A 136 4.99 17.71 -11.68
C LEU A 136 5.27 18.49 -10.39
N THR A 137 5.71 17.74 -9.40
CA THR A 137 6.13 18.22 -8.07
C THR A 137 7.57 17.76 -7.87
N ASN A 138 8.18 18.17 -6.76
CA ASN A 138 9.51 17.64 -6.40
C ASN A 138 9.51 16.11 -6.40
N SER A 139 8.45 15.49 -5.89
CA SER A 139 8.44 14.00 -5.81
CA SER A 139 8.40 14.01 -5.82
C SER A 139 8.32 13.42 -7.22
N SER A 140 7.40 13.91 -8.02
CA SER A 140 7.15 13.28 -9.32
C SER A 140 8.25 13.58 -10.33
N CYS A 141 9.04 14.64 -10.14
CA CYS A 141 10.25 14.84 -10.95
C CYS A 141 11.22 13.66 -10.84
N CYS A 142 11.21 12.99 -9.69
CA CYS A 142 12.06 11.82 -9.46
C CYS A 142 11.51 10.55 -10.11
N LEU A 143 10.40 10.66 -10.82
CA LEU A 143 9.74 9.59 -11.57
C LEU A 143 9.81 9.83 -13.08
N VAL A 144 10.56 10.85 -13.50
CA VAL A 144 10.75 11.16 -14.92
C VAL A 144 12.12 10.60 -15.29
N PRO A 145 12.20 9.59 -16.16
CA PRO A 145 13.49 9.12 -16.65
C PRO A 145 14.31 10.28 -17.19
N ARG A 146 15.53 10.42 -16.70
CA ARG A 146 16.30 11.61 -17.06
C ARG A 146 16.54 11.62 -18.56
N GLN A 147 16.52 12.81 -19.14
CA GLN A 147 16.71 12.93 -20.60
C GLN A 147 18.10 12.40 -20.97
N GLU A 148 19.11 12.54 -20.09
CA GLU A 148 20.47 12.12 -20.45
C GLU A 148 20.62 10.59 -20.47
N ASP A 149 19.96 9.83 -19.59
CA ASP A 149 20.33 8.41 -19.37
C ASP A 149 19.16 7.54 -18.90
N GLY A 150 17.96 8.07 -18.76
CA GLY A 150 16.80 7.24 -18.41
C GLY A 150 16.69 6.94 -16.92
N VAL A 151 17.54 7.47 -16.08
CA VAL A 151 17.54 7.13 -14.64
C VAL A 151 16.39 7.84 -13.93
N SER A 152 15.80 7.14 -12.97
CA SER A 152 14.77 7.68 -12.06
C SER A 152 14.51 6.67 -10.96
N LEU A 153 13.60 6.98 -10.06
CA LEU A 153 13.20 6.01 -9.02
C LEU A 153 12.17 5.00 -9.53
N VAL A 154 11.72 5.08 -10.78
CA VAL A 154 10.65 4.18 -11.25
C VAL A 154 11.04 2.73 -11.04
N GLU A 155 12.23 2.30 -11.47
CA GLU A 155 12.53 0.86 -11.41
C GLU A 155 12.50 0.36 -9.98
N GLU A 156 13.07 1.07 -9.02
CA GLU A 156 13.08 0.56 -7.65
C GLU A 156 11.67 0.59 -7.08
N LEU A 157 10.86 1.60 -7.40
CA LEU A 157 9.50 1.65 -6.86
C LEU A 157 8.61 0.59 -7.52
N LEU A 158 8.87 0.23 -8.76
CA LEU A 158 8.15 -0.90 -9.39
C LEU A 158 8.53 -2.23 -8.74
N PHE A 159 9.76 -2.38 -8.28
CA PHE A 159 10.15 -3.57 -7.54
C PHE A 159 9.50 -3.58 -6.16
N THR A 160 9.51 -2.50 -5.43
N THR A 160 9.61 -2.44 -5.45
CA THR A 160 9.03 -2.68 -4.05
CA THR A 160 9.12 -2.15 -4.05
C THR A 160 7.50 -2.80 -3.98
C THR A 160 7.63 -2.55 -3.94
N SER A 161 6.82 -2.38 -5.03
CA SER A 161 5.37 -2.64 -5.08
C SER A 161 5.03 -3.79 -6.03
N ASP A 162 6.00 -4.60 -6.42
CA ASP A 162 5.72 -5.72 -7.35
C ASP A 162 4.82 -6.73 -6.63
N LYS A 163 4.05 -7.48 -7.40
CA LYS A 163 3.19 -8.52 -6.84
C LYS A 163 4.00 -9.47 -5.99
N VAL A 164 5.25 -9.80 -6.33
CA VAL A 164 6.01 -10.80 -5.52
CA VAL A 164 5.99 -10.81 -5.53
C VAL A 164 6.24 -10.25 -4.13
N VAL A 165 6.47 -8.96 -4.03
CA VAL A 165 6.73 -8.30 -2.75
C VAL A 165 5.41 -8.13 -2.01
N VAL A 166 4.39 -7.64 -2.69
CA VAL A 166 3.09 -7.46 -1.99
C VAL A 166 2.55 -8.81 -1.50
N ASP A 167 2.70 -9.86 -2.28
CA ASP A 167 2.23 -11.18 -1.84
C ASP A 167 3.00 -11.63 -0.58
N SER A 168 4.27 -11.26 -0.46
CA SER A 168 5.06 -11.55 0.76
C SER A 168 4.47 -10.74 1.90
N PHE A 169 4.19 -9.46 1.65
CA PHE A 169 3.62 -8.62 2.73
C PHE A 169 2.27 -9.15 3.19
N PHE A 170 1.47 -9.82 2.35
CA PHE A 170 0.23 -10.46 2.83
C PHE A 170 0.49 -11.49 3.93
N LYS A 171 1.70 -12.04 3.98
CA LYS A 171 2.10 -13.06 4.97
C LYS A 171 2.93 -12.44 6.09
N LEU A 172 3.02 -11.13 6.19
CA LEU A 172 3.93 -10.50 7.17
C LEU A 172 3.62 -10.99 8.59
N LYS A 173 2.36 -11.19 8.98
CA LYS A 173 2.05 -11.57 10.37
C LYS A 173 2.72 -12.91 10.76
N CYS A 174 3.09 -13.75 9.79
CA CYS A 174 3.73 -15.05 10.07
CA CYS A 174 3.75 -15.04 10.10
C CYS A 174 5.04 -14.86 10.85
N VAL A 175 5.73 -13.77 10.60
CA VAL A 175 7.05 -13.57 11.21
C VAL A 175 6.88 -13.32 12.70
N VAL A 176 5.72 -12.82 13.10
CA VAL A 176 5.45 -12.58 14.53
C VAL A 176 4.97 -13.86 15.18
N GLU A 177 4.11 -14.62 14.51
CA GLU A 177 3.44 -15.77 15.15
C GLU A 177 4.32 -17.01 15.18
N GLU A 178 5.02 -17.28 14.11
CA GLU A 178 5.68 -18.57 13.82
C GLU A 178 7.20 -18.38 13.88
N LYS A 179 7.86 -19.08 14.79
CA LYS A 179 9.34 -19.12 14.85
C LYS A 179 9.89 -19.50 13.47
N ASP A 180 10.92 -18.80 13.06
CA ASP A 180 11.73 -19.11 11.87
C ASP A 180 10.99 -18.99 10.52
N SER A 181 9.75 -18.51 10.49
N SER A 181 9.77 -18.43 10.49
CA SER A 181 9.06 -18.32 9.19
CA SER A 181 8.92 -18.31 9.27
C SER A 181 9.65 -17.10 8.45
C SER A 181 9.28 -17.03 8.47
N VAL A 182 9.47 -17.12 7.15
CA VAL A 182 9.85 -15.98 6.27
C VAL A 182 8.67 -15.72 5.37
N PRO A 183 8.05 -14.51 5.41
CA PRO A 183 6.85 -14.26 4.61
C PRO A 183 6.97 -14.61 3.11
N PHE A 184 8.11 -14.27 2.50
CA PHE A 184 8.34 -14.58 1.08
C PHE A 184 8.23 -16.09 0.83
N GLU A 185 8.83 -16.89 1.71
N GLU A 185 8.82 -16.89 1.70
CA GLU A 185 8.83 -18.36 1.59
CA GLU A 185 8.82 -18.36 1.52
C GLU A 185 7.40 -18.89 1.79
C GLU A 185 7.40 -18.90 1.79
N VAL A 186 6.66 -18.33 2.74
CA VAL A 186 5.28 -18.76 2.99
C VAL A 186 4.47 -18.48 1.73
N ALA A 187 4.70 -17.33 1.11
CA ALA A 187 3.91 -16.92 -0.06
C ALA A 187 4.29 -17.70 -1.34
N HIS A 188 5.56 -18.02 -1.50
CA HIS A 188 6.11 -18.48 -2.80
C HIS A 188 6.70 -19.90 -2.79
N GLY A 189 7.02 -20.48 -1.63
CA GLY A 189 7.57 -21.83 -1.60
C GLY A 189 9.05 -21.96 -1.80
N ALA A 190 9.73 -20.85 -1.88
CA ALA A 190 11.21 -20.81 -2.01
C ALA A 190 11.69 -19.49 -1.44
N LYS A 191 12.96 -19.41 -1.11
CA LYS A 191 13.61 -18.16 -0.68
C LYS A 191 13.84 -17.29 -1.90
N ILE A 192 14.04 -16.00 -1.67
CA ILE A 192 13.99 -15.00 -2.76
C ILE A 192 15.09 -15.22 -3.80
N PHE A 193 16.32 -15.55 -3.40
CA PHE A 193 17.38 -15.69 -4.42
C PHE A 193 17.22 -17.03 -5.18
N GLU A 194 16.64 -18.05 -4.57
CA GLU A 194 16.28 -19.29 -5.26
C GLU A 194 15.14 -18.99 -6.24
N TYR A 195 14.12 -18.27 -5.81
CA TYR A 195 12.98 -17.88 -6.65
C TYR A 195 13.49 -17.13 -7.87
N ALA A 196 14.37 -16.17 -7.66
CA ALA A 196 14.92 -15.38 -8.79
C ALA A 196 15.57 -16.27 -9.85
N ALA A 197 16.18 -17.36 -9.41
CA ALA A 197 16.86 -18.29 -10.32
C ALA A 197 15.88 -19.03 -11.23
N THR A 198 14.61 -19.14 -10.86
CA THR A 198 13.60 -19.89 -11.62
C THR A 198 12.53 -18.97 -12.21
N GLU A 199 12.60 -17.67 -11.94
CA GLU A 199 11.54 -16.73 -12.35
C GLU A 199 12.18 -15.53 -13.03
N PRO A 200 12.37 -15.59 -14.36
CA PRO A 200 13.10 -14.54 -15.07
C PRO A 200 12.49 -13.15 -14.98
N ARG A 201 11.18 -13.05 -14.93
CA ARG A 201 10.52 -11.74 -14.84
C ARG A 201 10.90 -11.11 -13.50
N MET A 202 10.73 -11.82 -12.41
CA MET A 202 11.10 -11.27 -11.08
CA MET A 202 11.09 -11.27 -11.09
C MET A 202 12.60 -10.94 -11.04
N ASN A 203 13.42 -11.80 -11.60
CA ASN A 203 14.87 -11.57 -11.65
C ASN A 203 15.13 -10.23 -12.34
N GLN A 204 14.48 -9.95 -13.45
CA GLN A 204 14.68 -8.69 -14.20
C GLN A 204 14.21 -7.50 -13.34
N VAL A 205 13.02 -7.59 -12.80
CA VAL A 205 12.44 -6.46 -12.02
C VAL A 205 13.36 -6.13 -10.85
N PHE A 206 13.81 -7.15 -10.14
CA PHE A 206 14.68 -6.94 -8.96
C PHE A 206 16.02 -6.36 -9.44
N ASN A 207 16.66 -7.01 -10.41
CA ASN A 207 17.99 -6.58 -10.85
C ASN A 207 17.94 -5.14 -11.36
N ASP A 208 16.95 -4.79 -12.13
CA ASP A 208 16.84 -3.45 -12.71
C ASP A 208 16.52 -2.44 -11.62
N GLY A 209 15.69 -2.81 -10.65
CA GLY A 209 15.42 -1.89 -9.54
C GLY A 209 16.70 -1.58 -8.82
N MET A 210 17.47 -2.59 -8.47
CA MET A 210 18.73 -2.34 -7.74
C MET A 210 19.65 -1.49 -8.62
N ALA A 211 19.79 -1.82 -9.89
CA ALA A 211 20.82 -1.20 -10.75
C ALA A 211 20.52 0.28 -10.91
N VAL A 212 19.30 0.64 -11.23
CA VAL A 212 19.01 2.07 -11.48
C VAL A 212 19.08 2.85 -10.17
N PHE A 213 18.58 2.29 -9.10
CA PHE A 213 18.72 2.94 -7.77
C PHE A 213 20.20 3.14 -7.47
N SER A 214 21.02 2.17 -7.80
CA SER A 214 22.50 2.23 -7.58
CA SER A 214 22.46 2.28 -7.51
C SER A 214 23.09 3.49 -8.22
N ILE A 215 22.64 3.84 -9.39
CA ILE A 215 23.20 5.00 -10.08
C ILE A 215 22.93 6.27 -9.26
N VAL A 216 21.71 6.45 -8.80
CA VAL A 216 21.46 7.70 -8.01
C VAL A 216 22.19 7.66 -6.68
N VAL A 217 22.36 6.48 -6.09
CA VAL A 217 23.12 6.37 -4.84
C VAL A 217 24.58 6.75 -5.08
N PHE A 218 25.20 6.25 -6.10
CA PHE A 218 26.62 6.54 -6.34
C PHE A 218 26.81 8.01 -6.71
N GLU A 219 25.83 8.64 -7.38
CA GLU A 219 25.95 10.09 -7.66
C GLU A 219 26.10 10.80 -6.32
N ALA A 220 25.36 10.38 -5.31
CA ALA A 220 25.43 11.02 -3.97
C ALA A 220 26.74 10.69 -3.29
N VAL A 221 27.16 9.41 -3.37
CA VAL A 221 28.44 8.98 -2.75
C VAL A 221 29.59 9.81 -3.31
N PHE A 222 29.66 9.98 -4.62
CA PHE A 222 30.84 10.63 -5.23
C PHE A 222 30.91 12.12 -4.87
N ARG A 223 29.79 12.74 -4.45
CA ARG A 223 29.78 14.15 -3.99
C ARG A 223 30.56 14.29 -2.68
N VAL A 224 30.63 13.26 -1.86
CA VAL A 224 31.07 13.37 -0.43
C VAL A 224 32.36 12.56 -0.21
N TYR A 225 32.45 11.39 -0.84
CA TYR A 225 33.41 10.31 -0.48
C TYR A 225 34.48 10.24 -1.57
N ASP A 226 35.72 10.29 -1.17
CA ASP A 226 36.90 10.26 -2.08
C ASP A 226 37.73 8.98 -1.94
N GLY A 227 37.26 7.97 -1.20
CA GLY A 227 38.09 6.81 -0.85
C GLY A 227 38.37 5.87 -1.99
N PHE A 228 37.75 6.04 -3.14
CA PHE A 228 38.07 5.21 -4.30
C PHE A 228 39.36 5.68 -4.97
N LEU A 229 39.79 6.88 -4.72
CA LEU A 229 41.00 7.40 -5.43
C LEU A 229 42.19 6.52 -5.08
N ASP A 230 43.06 6.29 -6.03
CA ASP A 230 44.25 5.41 -5.76
C ASP A 230 43.92 3.94 -5.42
N MET A 231 42.66 3.50 -5.34
CA MET A 231 42.43 2.03 -5.52
C MET A 231 42.85 1.64 -6.95
N LYS A 232 43.34 0.42 -7.09
CA LYS A 232 43.69 -0.15 -8.42
C LYS A 232 42.77 -1.29 -8.79
N GLU A 233 42.03 -1.84 -7.82
CA GLU A 233 41.15 -2.98 -8.10
C GLU A 233 40.04 -2.99 -7.06
N LEU A 234 38.83 -3.28 -7.48
CA LEU A 234 37.66 -3.29 -6.60
C LEU A 234 36.77 -4.46 -7.01
N LEU A 235 36.46 -5.28 -6.03
CA LEU A 235 35.53 -6.42 -6.17
C LEU A 235 34.21 -6.09 -5.50
N ASP A 236 33.14 -6.08 -6.30
CA ASP A 236 31.78 -5.82 -5.77
C ASP A 236 31.15 -7.16 -5.44
N VAL A 237 31.05 -7.45 -4.16
CA VAL A 237 30.57 -8.74 -3.66
C VAL A 237 29.04 -8.67 -3.57
N GLY A 238 28.33 -9.53 -4.31
CA GLY A 238 26.89 -9.37 -4.47
C GLY A 238 26.56 -8.10 -5.23
N GLY A 239 27.31 -7.82 -6.29
CA GLY A 239 27.25 -6.59 -7.07
C GLY A 239 26.08 -6.48 -8.02
N GLY A 240 25.22 -7.47 -8.07
CA GLY A 240 24.07 -7.39 -8.99
C GLY A 240 24.54 -7.54 -10.42
N ILE A 241 23.90 -6.80 -11.32
CA ILE A 241 24.31 -6.85 -12.74
C ILE A 241 25.53 -5.96 -13.06
N GLY A 242 26.17 -5.36 -12.04
CA GLY A 242 27.47 -4.72 -12.24
C GLY A 242 27.41 -3.23 -12.48
N THR A 243 26.24 -2.63 -12.37
CA THR A 243 26.06 -1.20 -12.65
C THR A 243 26.89 -0.39 -11.67
N SER A 244 26.91 -0.76 -10.39
CA SER A 244 27.66 -0.04 -9.37
C SER A 244 29.14 0.03 -9.75
N VAL A 245 29.74 -1.14 -10.01
CA VAL A 245 31.17 -1.14 -10.29
C VAL A 245 31.39 -0.41 -11.64
N SER A 246 30.48 -0.48 -12.60
CA SER A 246 30.64 0.27 -13.88
CA SER A 246 30.63 0.28 -13.88
C SER A 246 30.73 1.79 -13.62
N LYS A 247 29.95 2.28 -12.67
CA LYS A 247 29.95 3.73 -12.35
C LYS A 247 31.23 4.12 -11.62
N ILE A 248 31.71 3.25 -10.77
CA ILE A 248 32.96 3.53 -10.02
C ILE A 248 34.11 3.59 -11.03
N VAL A 249 34.19 2.63 -11.94
CA VAL A 249 35.28 2.59 -12.95
C VAL A 249 35.15 3.79 -13.89
N ALA A 250 33.95 4.25 -14.20
CA ALA A 250 33.81 5.44 -15.03
C ALA A 250 34.40 6.69 -14.33
N LYS A 251 34.23 6.80 -13.02
CA LYS A 251 34.75 7.95 -12.23
C LYS A 251 36.24 7.80 -11.96
N TYR A 252 36.71 6.58 -11.82
CA TYR A 252 38.08 6.25 -11.38
C TYR A 252 38.65 5.26 -12.38
N PRO A 253 39.21 5.78 -13.48
CA PRO A 253 39.51 4.92 -14.64
C PRO A 253 40.66 3.95 -14.50
N LEU A 254 41.39 4.05 -13.43
CA LEU A 254 42.51 3.13 -13.17
C LEU A 254 42.04 1.94 -12.35
N ILE A 255 40.80 1.94 -11.88
CA ILE A 255 40.30 0.75 -11.11
C ILE A 255 39.94 -0.37 -12.08
N ARG A 256 40.50 -1.54 -11.85
CA ARG A 256 40.06 -2.80 -12.49
C ARG A 256 38.86 -3.30 -11.67
N GLY A 257 37.69 -3.26 -12.26
CA GLY A 257 36.47 -3.62 -11.54
C GLY A 257 36.07 -5.05 -11.80
N VAL A 258 35.63 -5.71 -10.74
CA VAL A 258 35.13 -7.09 -10.80
C VAL A 258 33.78 -7.11 -10.14
N ASN A 259 32.80 -7.67 -10.84
CA ASN A 259 31.44 -7.80 -10.31
C ASN A 259 31.20 -9.26 -9.99
N PHE A 260 30.79 -9.57 -8.78
CA PHE A 260 30.63 -10.96 -8.29
C PHE A 260 29.21 -11.18 -7.81
N ASP A 261 28.52 -12.15 -8.38
CA ASP A 261 27.13 -12.45 -7.97
C ASP A 261 26.82 -13.91 -8.30
N LEU A 262 25.58 -14.28 -8.10
CA LEU A 262 25.12 -15.64 -8.40
C LEU A 262 25.02 -15.85 -9.88
N PRO A 263 25.16 -17.12 -10.34
CA PRO A 263 25.04 -17.41 -11.76
C PRO A 263 23.81 -16.85 -12.49
N HIS A 264 22.64 -16.89 -11.84
CA HIS A 264 21.40 -16.47 -12.51
C HIS A 264 21.38 -14.96 -12.72
N VAL A 265 22.19 -14.20 -11.98
CA VAL A 265 22.33 -12.74 -12.16
C VAL A 265 23.44 -12.47 -13.17
N ILE A 266 24.61 -13.09 -12.99
CA ILE A 266 25.73 -12.84 -13.90
C ILE A 266 25.34 -13.22 -15.35
N SER A 267 24.53 -14.26 -15.56
N SER A 267 24.55 -14.28 -15.53
CA SER A 267 24.20 -14.70 -16.93
CA SER A 267 24.15 -14.75 -16.87
C SER A 267 23.27 -13.73 -17.67
C SER A 267 23.40 -13.66 -17.66
N VAL A 268 22.68 -12.76 -16.96
CA VAL A 268 21.83 -11.73 -17.61
C VAL A 268 22.49 -10.35 -17.55
N ALA A 269 23.66 -10.22 -16.97
CA ALA A 269 24.31 -8.91 -16.77
C ALA A 269 24.84 -8.38 -18.10
N PRO A 270 24.69 -7.08 -18.34
CA PRO A 270 25.30 -6.50 -19.53
C PRO A 270 26.82 -6.45 -19.44
N GLN A 271 27.46 -6.31 -20.60
CA GLN A 271 28.90 -5.99 -20.66
C GLN A 271 29.07 -4.48 -20.39
N TYR A 272 29.93 -4.17 -19.46
CA TYR A 272 30.27 -2.80 -19.08
C TYR A 272 31.77 -2.66 -19.29
N PRO A 273 32.19 -1.50 -19.82
CA PRO A 273 33.61 -1.20 -19.94
C PRO A 273 34.31 -1.25 -18.58
N GLY A 274 35.44 -1.97 -18.53
CA GLY A 274 36.27 -2.03 -17.32
C GLY A 274 35.71 -2.89 -16.20
N VAL A 275 34.71 -3.72 -16.53
CA VAL A 275 34.09 -4.64 -15.54
C VAL A 275 34.18 -6.08 -16.02
N GLU A 276 34.71 -6.93 -15.16
CA GLU A 276 34.74 -8.38 -15.38
C GLU A 276 33.68 -8.98 -14.44
N HIS A 277 32.83 -9.83 -14.98
CA HIS A 277 31.80 -10.57 -14.20
C HIS A 277 32.36 -11.91 -13.76
N VAL A 278 32.07 -12.28 -12.52
CA VAL A 278 32.42 -13.56 -11.95
C VAL A 278 31.21 -14.09 -11.19
N ALA A 279 30.86 -15.34 -11.42
CA ALA A 279 29.77 -16.01 -10.71
C ALA A 279 30.32 -16.89 -9.61
N GLY A 280 29.58 -16.94 -8.53
CA GLY A 280 29.92 -17.83 -7.41
C GLY A 280 28.87 -17.80 -6.33
N ASP A 281 29.30 -18.10 -5.12
CA ASP A 281 28.47 -18.10 -3.89
C ASP A 281 29.30 -17.46 -2.79
N MET A 282 28.96 -16.23 -2.43
CA MET A 282 29.75 -15.44 -1.46
C MET A 282 29.88 -16.11 -0.09
N PHE A 283 28.94 -16.97 0.28
CA PHE A 283 29.04 -17.64 1.59
C PHE A 283 30.03 -18.77 1.56
N GLU A 284 30.39 -19.26 0.36
CA GLU A 284 31.40 -20.33 0.25
C GLU A 284 32.78 -19.73 0.15
N GLU A 285 32.94 -18.80 -0.77
CA GLU A 285 34.18 -18.06 -0.87
C GLU A 285 33.97 -16.84 -1.76
N VAL A 286 34.86 -15.89 -1.58
CA VAL A 286 34.89 -14.65 -2.39
C VAL A 286 36.22 -14.67 -3.12
N PRO A 287 36.27 -14.21 -4.36
CA PRO A 287 37.54 -14.06 -5.07
C PRO A 287 38.52 -13.13 -4.35
N LYS A 288 39.82 -13.32 -4.58
CA LYS A 288 40.81 -12.36 -4.07
C LYS A 288 40.54 -11.00 -4.71
N GLY A 289 40.63 -9.97 -3.91
CA GLY A 289 40.48 -8.61 -4.41
C GLY A 289 41.21 -7.65 -3.50
N GLN A 290 41.69 -6.56 -4.09
CA GLN A 290 42.48 -5.60 -3.29
C GLN A 290 41.60 -4.80 -2.32
N ASN A 291 40.36 -4.54 -2.77
CA ASN A 291 39.34 -3.80 -2.01
C ASN A 291 38.01 -4.45 -2.36
N MET A 292 37.02 -4.33 -1.47
CA MET A 292 35.72 -4.91 -1.74
C MET A 292 34.63 -3.91 -1.42
N LEU A 293 33.50 -4.14 -2.06
CA LEU A 293 32.26 -3.40 -1.80
C LEU A 293 31.16 -4.39 -1.47
N LEU A 294 30.42 -4.07 -0.43
CA LEU A 294 29.19 -4.76 -0.04
C LEU A 294 28.10 -3.69 0.07
N LYS A 295 27.34 -3.50 -0.98
CA LYS A 295 26.24 -2.52 -0.98
C LYS A 295 24.92 -3.27 -0.97
N TRP A 296 24.10 -3.01 0.02
CA TRP A 296 22.77 -3.64 0.13
C TRP A 296 22.85 -5.15 0.16
N VAL A 297 23.89 -5.65 0.79
CA VAL A 297 24.08 -7.09 1.00
C VAL A 297 23.90 -7.44 2.47
N LEU A 298 24.66 -6.85 3.37
CA LEU A 298 24.58 -7.23 4.79
C LEU A 298 23.15 -7.11 5.31
N HIS A 299 22.39 -6.12 4.86
CA HIS A 299 21.05 -5.91 5.43
C HIS A 299 20.07 -7.03 5.09
N ALA A 300 20.43 -7.96 4.19
CA ALA A 300 19.51 -9.08 3.87
C ALA A 300 19.72 -10.27 4.78
N TRP A 301 20.72 -10.25 5.65
CA TRP A 301 21.15 -11.48 6.34
C TRP A 301 21.28 -11.22 7.85
N GLY A 302 21.08 -12.28 8.61
CA GLY A 302 21.31 -12.24 10.04
C GLY A 302 22.76 -12.16 10.43
N ASP A 303 23.00 -11.99 11.73
CA ASP A 303 24.38 -11.73 12.21
C ASP A 303 25.34 -12.85 11.83
N GLU A 304 25.00 -14.12 12.07
CA GLU A 304 25.95 -15.24 11.82
C GLU A 304 26.33 -15.30 10.34
N ARG A 305 25.34 -15.11 9.45
N ARG A 305 25.34 -15.11 9.45
CA ARG A 305 25.61 -15.13 8.00
CA ARG A 305 25.61 -15.12 8.00
C ARG A 305 26.48 -13.91 7.63
C ARG A 305 26.48 -13.91 7.63
N CYS A 306 26.19 -12.74 8.20
CA CYS A 306 27.02 -11.56 7.91
C CYS A 306 28.48 -11.81 8.35
N VAL A 307 28.69 -12.38 9.55
CA VAL A 307 30.07 -12.59 10.02
C VAL A 307 30.76 -13.61 9.10
N LYS A 308 30.06 -14.64 8.66
N LYS A 308 30.06 -14.64 8.66
CA LYS A 308 30.67 -15.65 7.76
CA LYS A 308 30.68 -15.64 7.77
C LYS A 308 31.10 -14.95 6.46
C LYS A 308 31.10 -14.94 6.46
N LEU A 309 30.21 -14.16 5.87
CA LEU A 309 30.54 -13.42 4.64
C LEU A 309 31.73 -12.50 4.88
N LEU A 310 31.68 -11.73 5.96
CA LEU A 310 32.77 -10.78 6.20
C LEU A 310 34.11 -11.50 6.42
N LYS A 311 34.09 -12.66 7.06
CA LYS A 311 35.36 -13.45 7.22
C LYS A 311 35.86 -13.93 5.86
N ASN A 312 34.94 -14.32 4.98
CA ASN A 312 35.33 -14.68 3.60
C ASN A 312 36.01 -13.48 2.94
N CYS A 313 35.43 -12.30 3.10
CA CYS A 313 36.04 -11.09 2.55
C CYS A 313 37.42 -10.85 3.19
N TRP A 314 37.52 -10.94 4.50
CA TRP A 314 38.79 -10.73 5.20
C TRP A 314 39.85 -11.66 4.60
N ASN A 315 39.53 -12.94 4.43
CA ASN A 315 40.47 -13.95 3.92
C ASN A 315 40.96 -13.58 2.52
N SER A 316 40.10 -12.93 1.73
CA SER A 316 40.38 -12.62 0.32
C SER A 316 40.99 -11.24 0.12
N LEU A 317 41.14 -10.46 1.18
CA LEU A 317 41.75 -9.12 1.13
C LEU A 317 43.23 -9.20 1.48
N PRO A 318 44.05 -8.29 0.92
CA PRO A 318 45.44 -8.21 1.40
C PRO A 318 45.53 -7.42 2.70
N VAL A 319 46.69 -7.48 3.38
CA VAL A 319 46.98 -6.54 4.50
C VAL A 319 46.79 -5.13 3.90
N GLY A 320 46.07 -4.25 4.59
CA GLY A 320 45.90 -2.89 4.09
C GLY A 320 44.67 -2.71 3.23
N GLY A 321 43.99 -3.80 2.89
CA GLY A 321 42.76 -3.72 2.09
C GLY A 321 41.58 -3.28 2.95
N LYS A 322 40.52 -2.88 2.29
CA LYS A 322 39.30 -2.47 2.99
C LYS A 322 38.10 -3.06 2.27
N VAL A 323 37.06 -3.24 3.07
CA VAL A 323 35.73 -3.48 2.52
C VAL A 323 34.86 -2.26 2.87
N LEU A 324 34.13 -1.80 1.89
CA LEU A 324 33.17 -0.69 2.04
C LEU A 324 31.77 -1.27 2.16
N ILE A 325 31.07 -0.90 3.21
CA ILE A 325 29.65 -1.23 3.37
C ILE A 325 28.88 0.02 2.95
N ILE A 326 27.92 -0.15 2.08
CA ILE A 326 27.01 0.95 1.71
C ILE A 326 25.58 0.50 2.04
N GLU A 327 24.96 1.24 2.95
CA GLU A 327 23.65 0.94 3.53
C GLU A 327 22.99 2.22 4.00
N PHE A 328 21.67 2.18 4.09
CA PHE A 328 20.92 3.18 4.88
C PHE A 328 20.95 2.77 6.34
N VAL A 329 21.51 3.60 7.18
CA VAL A 329 21.75 3.28 8.59
C VAL A 329 20.54 3.71 9.41
N LEU A 330 20.11 2.83 10.31
CA LEU A 330 19.00 3.16 11.22
C LEU A 330 19.49 4.27 12.17
N PRO A 331 18.78 5.42 12.24
CA PRO A 331 19.15 6.46 13.18
C PRO A 331 18.78 6.12 14.62
N ASN A 332 19.39 6.81 15.58
CA ASN A 332 19.22 6.46 17.02
C ASN A 332 17.81 6.89 17.47
N GLU A 333 17.21 7.92 16.85
CA GLU A 333 15.82 8.35 17.13
C GLU A 333 15.07 8.34 15.78
N LEU A 334 13.90 7.72 15.72
CA LEU A 334 13.05 7.68 14.52
C LEU A 334 11.99 8.77 14.59
N GLY A 335 11.70 9.32 13.44
CA GLY A 335 10.60 10.25 13.30
C GLY A 335 10.13 10.31 11.89
N ASN A 336 9.32 11.32 11.61
N ASN A 336 9.33 11.34 11.61
CA ASN A 336 8.66 11.48 10.29
CA ASN A 336 8.68 11.52 10.31
C ASN A 336 9.65 12.28 9.44
C ASN A 336 9.66 12.29 9.45
N ASN A 337 10.67 11.60 8.93
CA ASN A 337 11.76 12.27 8.17
C ASN A 337 12.41 11.27 7.23
N ALA A 338 13.19 11.79 6.31
CA ALA A 338 13.75 10.96 5.24
C ALA A 338 14.76 9.96 5.80
N GLU A 339 15.62 10.37 6.71
CA GLU A 339 16.61 9.44 7.28
C GLU A 339 15.92 8.25 7.93
N SER A 340 14.85 8.50 8.65
CA SER A 340 14.11 7.45 9.33
C SER A 340 13.48 6.53 8.30
N PHE A 341 12.68 7.06 7.38
CA PHE A 341 11.96 6.22 6.41
C PHE A 341 12.95 5.52 5.48
N ASN A 342 14.07 6.15 5.13
CA ASN A 342 15.03 5.48 4.23
C ASN A 342 15.54 4.17 4.86
N ALA A 343 15.56 4.08 6.18
CA ALA A 343 15.90 2.81 6.86
C ALA A 343 14.67 1.94 7.13
N LEU A 344 13.55 2.54 7.53
CA LEU A 344 12.37 1.73 7.89
C LEU A 344 11.78 1.00 6.68
N ILE A 345 11.81 1.61 5.50
CA ILE A 345 11.25 1.01 4.28
C ILE A 345 12.00 -0.31 4.00
N PRO A 346 13.33 -0.30 3.81
CA PRO A 346 14.01 -1.58 3.59
C PRO A 346 13.95 -2.52 4.82
N ASP A 347 13.88 -1.95 6.03
CA ASP A 347 13.76 -2.83 7.20
C ASP A 347 12.49 -3.68 7.09
N LEU A 348 11.39 -3.07 6.69
CA LEU A 348 10.11 -3.84 6.55
C LEU A 348 10.20 -4.78 5.35
N LEU A 349 10.74 -4.30 4.24
CA LEU A 349 10.87 -5.16 3.03
C LEU A 349 11.73 -6.37 3.37
N LEU A 350 12.88 -6.19 4.03
CA LEU A 350 13.76 -7.33 4.26
C LEU A 350 13.16 -8.28 5.29
N MET A 351 12.39 -7.75 6.27
CA MET A 351 11.64 -8.60 7.19
C MET A 351 10.75 -9.57 6.40
N ALA A 352 10.08 -9.06 5.39
CA ALA A 352 9.21 -9.90 4.56
C ALA A 352 10.00 -10.81 3.62
N LEU A 353 11.13 -10.35 3.12
CA LEU A 353 11.74 -10.96 1.93
C LEU A 353 12.84 -11.99 2.25
N ASN A 354 13.58 -11.92 3.35
CA ASN A 354 14.73 -12.83 3.52
C ASN A 354 14.95 -13.09 4.99
N PRO A 355 15.29 -14.36 5.40
CA PRO A 355 15.54 -14.64 6.82
C PRO A 355 16.69 -13.81 7.41
N GLY A 356 16.42 -13.18 8.54
CA GLY A 356 17.43 -12.44 9.29
C GLY A 356 17.67 -11.02 8.78
N GLY A 357 17.11 -10.65 7.64
CA GLY A 357 17.38 -9.33 7.10
C GLY A 357 16.83 -8.21 7.97
N LYS A 358 17.59 -7.13 8.11
CA LYS A 358 17.21 -5.99 8.93
C LYS A 358 18.18 -4.85 8.70
N GLU A 359 17.72 -3.65 9.00
CA GLU A 359 18.60 -2.51 9.02
C GLU A 359 19.27 -2.39 10.37
N ARG A 360 20.43 -1.78 10.39
CA ARG A 360 21.34 -1.76 11.54
C ARG A 360 21.82 -0.34 11.81
N THR A 361 22.19 -0.12 13.06
CA THR A 361 22.85 1.13 13.48
C THR A 361 24.34 1.06 13.19
N ILE A 362 25.03 2.20 13.28
CA ILE A 362 26.53 2.19 13.14
C ILE A 362 27.14 1.21 14.13
N SER A 363 26.71 1.24 15.38
CA SER A 363 27.29 0.34 16.41
C SER A 363 27.15 -1.13 15.99
N GLU A 364 26.00 -1.48 15.46
CA GLU A 364 25.73 -2.87 15.06
C GLU A 364 26.61 -3.27 13.88
N TYR A 365 26.84 -2.37 12.92
CA TYR A 365 27.77 -2.65 11.82
C TYR A 365 29.19 -2.83 12.34
N ASP A 366 29.60 -1.97 13.27
CA ASP A 366 30.96 -2.09 13.84
C ASP A 366 31.14 -3.46 14.49
N ASP A 367 30.13 -3.93 15.19
CA ASP A 367 30.21 -5.23 15.90
C ASP A 367 30.41 -6.36 14.88
N LEU A 368 29.71 -6.30 13.74
CA LEU A 368 29.88 -7.32 12.68
C LEU A 368 31.31 -7.27 12.14
N GLY A 369 31.81 -6.09 11.81
CA GLY A 369 33.18 -6.05 11.28
C GLY A 369 34.17 -6.55 12.31
N LYS A 370 34.01 -6.18 13.57
N LYS A 370 34.01 -6.16 13.58
CA LYS A 370 35.03 -6.57 14.59
CA LYS A 370 34.94 -6.56 14.66
C LYS A 370 34.98 -8.09 14.77
C LYS A 370 34.97 -8.09 14.76
N ALA A 371 33.79 -8.71 14.73
CA ALA A 371 33.69 -10.16 14.86
C ALA A 371 34.37 -10.90 13.70
N ALA A 372 34.48 -10.25 12.56
CA ALA A 372 35.13 -10.83 11.38
C ALA A 372 36.60 -10.53 11.25
N GLY A 373 37.18 -9.82 12.20
CA GLY A 373 38.62 -9.56 12.20
C GLY A 373 39.03 -8.18 11.73
N PHE A 374 38.07 -7.36 11.37
CA PHE A 374 38.39 -5.98 10.91
C PHE A 374 38.69 -5.09 12.10
N ILE A 375 39.62 -4.12 11.99
N ILE A 375 39.45 -4.06 11.77
CA ILE A 375 40.20 -3.46 13.22
CA ILE A 375 39.79 -2.96 12.70
C ILE A 375 40.04 -1.94 13.24
C ILE A 375 39.46 -1.60 12.01
N LYS A 376 39.38 -1.37 12.25
N LYS A 376 39.47 -0.55 12.81
CA LYS A 376 39.07 0.08 12.25
CA LYS A 376 39.34 0.84 12.32
C LYS A 376 37.81 0.24 11.41
C LYS A 376 38.09 1.01 11.44
N THR A 377 36.87 0.90 12.00
CA THR A 377 35.60 1.17 11.33
C THR A 377 35.49 2.69 11.12
N ILE A 378 35.27 3.12 9.92
CA ILE A 378 35.12 4.57 9.63
C ILE A 378 33.75 4.78 9.01
N PRO A 379 32.76 5.33 9.75
CA PRO A 379 31.45 5.62 9.19
C PRO A 379 31.51 7.02 8.56
N ILE A 380 30.98 7.10 7.34
CA ILE A 380 30.97 8.33 6.52
C ILE A 380 29.53 8.57 6.09
N PRO A 381 28.87 9.55 6.68
CA PRO A 381 27.52 9.93 6.23
C PRO A 381 27.57 10.52 4.83
N ILE A 382 26.62 10.12 4.01
CA ILE A 382 26.54 10.63 2.61
C ILE A 382 25.32 11.51 2.43
N SER A 383 24.09 10.95 2.64
CA SER A 383 22.86 11.70 2.38
C SER A 383 21.69 10.96 3.01
N ASN A 384 20.89 11.65 3.81
CA ASN A 384 19.58 11.13 4.25
C ASN A 384 19.67 9.70 4.79
N GLY A 385 20.69 9.41 5.57
CA GLY A 385 20.90 8.13 6.21
C GLY A 385 21.84 7.19 5.45
N LEU A 386 22.02 7.41 4.17
CA LEU A 386 22.97 6.59 3.39
C LEU A 386 24.36 6.84 3.95
N HIS A 387 25.10 5.75 4.24
CA HIS A 387 26.52 5.84 4.68
C HIS A 387 27.40 4.94 3.84
N VAL A 388 28.66 5.33 3.77
CA VAL A 388 29.77 4.40 3.45
C VAL A 388 30.42 4.08 4.79
N ILE A 389 30.55 2.83 5.09
CA ILE A 389 31.27 2.40 6.31
C ILE A 389 32.49 1.61 5.86
N GLU A 390 33.68 2.09 6.17
CA GLU A 390 34.91 1.37 5.81
C GLU A 390 35.30 0.43 6.94
N PHE A 391 35.56 -0.82 6.61
CA PHE A 391 36.17 -1.80 7.53
C PHE A 391 37.58 -2.08 7.03
N HIS A 392 38.57 -1.90 7.88
CA HIS A 392 39.99 -2.06 7.48
C HIS A 392 40.51 -3.38 7.99
N LYS A 393 41.21 -4.08 7.14
CA LYS A 393 42.01 -5.26 7.55
C LYS A 393 43.35 -4.83 8.16
N CYS B 37 15.74 16.05 -3.25
CA CYS B 37 16.60 15.29 -4.07
C CYS B 37 16.09 13.83 -4.12
N TYR B 38 16.81 13.00 -4.90
CA TYR B 38 16.38 11.61 -5.05
C TYR B 38 16.27 10.98 -3.65
N LEU B 39 17.29 11.14 -2.79
CA LEU B 39 17.31 10.39 -1.51
C LEU B 39 16.50 11.08 -0.41
N SER B 40 15.75 12.13 -0.71
CA SER B 40 14.58 12.57 0.07
C SER B 40 13.33 11.87 -0.44
N GLU B 41 13.21 11.80 -1.75
CA GLU B 41 12.00 11.27 -2.38
C GLU B 41 11.88 9.78 -2.23
N THR B 42 13.00 9.09 -2.06
CA THR B 42 12.95 7.64 -1.83
C THR B 42 12.08 7.38 -0.61
N ALA B 43 12.20 8.23 0.39
CA ALA B 43 11.44 8.03 1.65
C ALA B 43 9.97 8.35 1.41
N ASN B 44 9.68 9.46 0.76
CA ASN B 44 8.29 9.92 0.58
C ASN B 44 7.52 8.96 -0.30
N LEU B 45 8.16 8.39 -1.31
CA LEU B 45 7.46 7.54 -2.28
C LEU B 45 7.55 6.06 -1.87
N GLY B 46 8.67 5.63 -1.30
CA GLY B 46 8.86 4.24 -0.96
C GLY B 46 8.00 3.80 0.21
N LYS B 47 7.61 4.71 1.06
CA LYS B 47 6.79 4.34 2.22
C LYS B 47 5.36 4.02 1.83
N LEU B 48 4.93 4.41 0.63
CA LEU B 48 3.50 4.34 0.29
C LEU B 48 2.96 2.92 0.26
N ILE B 49 3.72 1.95 -0.24
CA ILE B 49 3.27 0.55 -0.19
C ILE B 49 3.44 -0.03 1.21
N CYS B 50 4.48 0.37 1.91
CA CYS B 50 4.83 -0.21 3.20
C CYS B 50 3.80 0.06 4.28
N ILE B 51 3.32 1.29 4.38
CA ILE B 51 2.39 1.68 5.48
C ILE B 51 1.13 0.82 5.45
N PRO B 52 0.38 0.68 4.32
CA PRO B 52 -0.84 -0.10 4.38
C PRO B 52 -0.58 -1.56 4.71
N MET B 53 0.53 -2.13 4.24
CA MET B 53 0.78 -3.55 4.50
C MET B 53 1.20 -3.74 5.96
N ALA B 54 1.91 -2.78 6.55
CA ALA B 54 2.18 -2.85 7.99
C ALA B 54 0.89 -2.70 8.78
N LEU B 55 0.02 -1.81 8.35
CA LEU B 55 -1.27 -1.60 9.03
C LEU B 55 -2.08 -2.89 8.96
N ARG B 56 -2.13 -3.52 7.78
CA ARG B 56 -2.93 -4.75 7.64
C ARG B 56 -2.38 -5.79 8.63
N ALA B 57 -1.07 -5.96 8.71
CA ALA B 57 -0.47 -6.93 9.62
C ALA B 57 -0.86 -6.64 11.06
N ALA B 58 -0.78 -5.37 11.44
CA ALA B 58 -1.14 -4.98 12.82
C ALA B 58 -2.60 -5.28 13.10
N MET B 59 -3.49 -5.02 12.14
CA MET B 59 -4.90 -5.34 12.36
C MET B 59 -5.09 -6.86 12.50
N GLU B 60 -4.43 -7.63 11.65
CA GLU B 60 -4.55 -9.11 11.71
C GLU B 60 -3.99 -9.68 13.00
N LEU B 61 -3.01 -9.01 13.59
CA LEU B 61 -2.40 -9.42 14.87
C LEU B 61 -3.20 -8.81 16.05
N ASN B 62 -4.24 -8.04 15.80
CA ASN B 62 -5.15 -7.41 16.80
CA ASN B 62 -5.09 -7.54 16.91
C ASN B 62 -4.34 -6.47 17.72
N VAL B 63 -3.37 -5.76 17.13
CA VAL B 63 -2.50 -4.91 17.97
C VAL B 63 -3.31 -3.81 18.66
N PHE B 64 -4.20 -3.14 17.92
CA PHE B 64 -4.89 -1.96 18.43
C PHE B 64 -5.78 -2.33 19.62
N GLN B 65 -6.55 -3.39 19.48
CA GLN B 65 -7.39 -3.88 20.58
C GLN B 65 -6.51 -4.28 21.75
N LEU B 66 -5.39 -4.96 21.48
CA LEU B 66 -4.51 -5.36 22.61
C LEU B 66 -3.99 -4.13 23.34
N ILE B 67 -3.58 -3.10 22.64
CA ILE B 67 -3.15 -1.87 23.34
C ILE B 67 -4.31 -1.31 24.15
N SER B 68 -5.52 -1.25 23.58
N SER B 68 -5.52 -1.26 23.56
CA SER B 68 -6.70 -0.63 24.25
CA SER B 68 -6.71 -0.67 24.21
C SER B 68 -6.99 -1.32 25.60
C SER B 68 -6.98 -1.31 25.58
N LYS B 69 -6.69 -2.60 25.71
CA LYS B 69 -7.03 -3.39 26.90
C LYS B 69 -6.13 -3.02 28.07
N PHE B 70 -5.03 -2.31 27.83
CA PHE B 70 -4.15 -1.83 28.91
C PHE B 70 -4.73 -0.56 29.52
N GLY B 71 -5.76 0.01 28.90
CA GLY B 71 -6.51 1.12 29.50
C GLY B 71 -6.29 2.49 28.86
N THR B 72 -6.99 3.49 29.37
CA THR B 72 -6.87 4.90 28.99
C THR B 72 -5.41 5.35 29.09
N ASP B 73 -4.95 5.99 28.03
CA ASP B 73 -3.64 6.66 27.91
C ASP B 73 -2.58 5.55 28.03
N ALA B 74 -2.91 4.28 27.69
CA ALA B 74 -1.89 3.21 27.78
C ALA B 74 -0.76 3.49 26.78
N LYS B 75 0.42 3.15 27.23
CA LYS B 75 1.65 3.22 26.42
C LYS B 75 2.38 1.91 26.69
N VAL B 76 2.43 1.02 25.69
N VAL B 76 2.45 1.06 25.64
CA VAL B 76 2.97 -0.33 25.99
CA VAL B 76 2.72 -0.40 25.75
C VAL B 76 3.97 -0.72 24.92
C VAL B 76 3.92 -0.75 24.86
N SER B 77 4.86 -1.58 25.33
CA SER B 77 5.95 -2.04 24.46
C SER B 77 5.51 -3.19 23.54
N ALA B 78 6.32 -3.41 22.52
CA ALA B 78 6.14 -4.61 21.69
C ALA B 78 6.10 -5.89 22.52
N SER B 79 6.99 -6.01 23.48
N SER B 79 6.98 -6.04 23.48
CA SER B 79 7.07 -7.20 24.35
CA SER B 79 7.02 -7.29 24.28
C SER B 79 5.76 -7.37 25.11
C SER B 79 5.74 -7.39 25.11
N GLU B 80 5.22 -6.29 25.67
CA GLU B 80 3.95 -6.38 26.42
C GLU B 80 2.81 -6.81 25.48
N ILE B 81 2.76 -6.23 24.29
CA ILE B 81 1.70 -6.58 23.31
C ILE B 81 1.86 -8.04 22.89
N ALA B 82 3.07 -8.46 22.58
CA ALA B 82 3.30 -9.86 22.14
C ALA B 82 2.94 -10.84 23.24
N SER B 83 3.11 -10.47 24.51
CA SER B 83 2.78 -11.33 25.65
C SER B 83 1.29 -11.73 25.65
N LYS B 84 0.46 -10.95 24.99
CA LYS B 84 -1.00 -11.12 24.91
C LYS B 84 -1.42 -11.84 23.63
N MET B 85 -0.46 -12.32 22.84
CA MET B 85 -0.70 -13.09 21.60
C MET B 85 -0.33 -14.56 21.85
N PRO B 86 -1.29 -15.43 22.17
CA PRO B 86 -0.98 -16.82 22.37
C PRO B 86 -0.19 -17.48 21.24
N ASN B 87 -0.40 -17.03 20.01
CA ASN B 87 0.23 -17.66 18.84
C ASN B 87 1.73 -17.38 18.84
N ALA B 88 2.19 -16.37 19.57
CA ALA B 88 3.62 -15.94 19.60
C ALA B 88 4.35 -16.56 20.82
N LYS B 89 3.69 -17.38 21.62
CA LYS B 89 4.26 -17.67 22.97
C LYS B 89 5.48 -18.58 22.89
N ASN B 90 5.74 -19.23 21.75
CA ASN B 90 6.96 -20.06 21.57
C ASN B 90 7.95 -19.44 20.58
N ASN B 91 7.84 -18.13 20.37
CA ASN B 91 8.70 -17.39 19.43
C ASN B 91 9.43 -16.29 20.20
N PRO B 92 10.69 -16.55 20.65
CA PRO B 92 11.44 -15.53 21.38
C PRO B 92 11.61 -14.23 20.59
N GLU B 93 11.64 -14.33 19.28
CA GLU B 93 11.87 -13.15 18.41
C GLU B 93 10.60 -12.40 18.08
N ALA B 94 9.44 -12.82 18.54
CA ALA B 94 8.19 -12.20 18.10
C ALA B 94 8.15 -10.72 18.42
N ALA B 95 8.56 -10.31 19.62
CA ALA B 95 8.44 -8.92 20.01
C ALA B 95 9.34 -8.05 19.14
N MET B 96 10.54 -8.53 18.82
CA MET B 96 11.46 -7.73 18.00
C MET B 96 10.88 -7.55 16.58
N TYR B 97 10.27 -8.58 16.03
CA TYR B 97 9.61 -8.42 14.73
C TYR B 97 8.42 -7.50 14.82
N LEU B 98 7.62 -7.67 15.86
CA LEU B 98 6.46 -6.79 16.05
C LEU B 98 6.92 -5.34 16.15
N ASP B 99 7.97 -5.07 16.91
CA ASP B 99 8.45 -3.69 17.09
C ASP B 99 8.81 -3.09 15.72
N ARG B 100 9.33 -3.91 14.80
CA ARG B 100 9.71 -3.38 13.48
C ARG B 100 8.47 -2.93 12.70
N ILE B 101 7.35 -3.56 12.88
CA ILE B 101 6.06 -3.13 12.29
C ILE B 101 5.58 -1.89 13.03
N LEU B 102 5.61 -1.93 14.35
CA LEU B 102 5.00 -0.81 15.13
C LEU B 102 5.79 0.47 14.96
N ARG B 103 7.10 0.41 14.85
CA ARG B 103 7.87 1.64 14.73
C ARG B 103 7.59 2.34 13.40
N LEU B 104 7.27 1.61 12.36
CA LEU B 104 6.86 2.27 11.09
C LEU B 104 5.50 2.97 11.28
N LEU B 105 4.57 2.32 11.96
CA LEU B 105 3.26 2.94 12.26
C LEU B 105 3.42 4.15 13.21
N GLY B 106 4.41 4.11 14.11
CA GLY B 106 4.73 5.28 14.95
C GLY B 106 5.28 6.43 14.11
N ALA B 107 6.18 6.14 13.19
CA ALA B 107 6.80 7.19 12.36
C ALA B 107 5.73 7.87 11.51
N SER B 108 4.72 7.11 11.11
CA SER B 108 3.56 7.49 10.26
CA SER B 108 3.61 7.59 10.24
C SER B 108 2.43 8.14 11.05
N SER B 109 2.59 8.28 12.37
N SER B 109 2.58 8.28 12.38
CA SER B 109 1.60 8.91 13.29
CA SER B 109 1.61 8.91 13.31
C SER B 109 0.28 8.10 13.37
C SER B 109 0.32 8.07 13.49
N ILE B 110 0.29 6.80 13.09
CA ILE B 110 -0.84 5.88 13.39
C ILE B 110 -0.82 5.44 14.86
N LEU B 111 0.36 5.28 15.43
CA LEU B 111 0.56 5.07 16.86
C LEU B 111 1.41 6.21 17.40
N SER B 112 1.20 6.57 18.66
CA SER B 112 2.08 7.49 19.40
C SER B 112 3.24 6.71 19.97
N VAL B 113 4.36 7.35 20.07
CA VAL B 113 5.65 6.75 20.51
C VAL B 113 6.19 7.55 21.69
N SER B 114 6.61 6.85 22.73
CA SER B 114 7.22 7.55 23.90
C SER B 114 8.11 6.58 24.67
N THR B 115 8.73 7.11 25.73
CA THR B 115 9.49 6.30 26.72
C THR B 115 9.21 6.78 28.12
N THR B 116 9.98 6.24 29.10
CA THR B 116 9.88 6.57 30.57
C THR B 116 11.24 6.97 31.11
N ALA B 117 11.21 7.62 32.28
CA ALA B 117 12.45 7.91 33.02
C ALA B 117 13.11 6.60 33.41
N ALA B 118 12.34 5.59 33.85
CA ALA B 118 12.93 4.30 34.33
C ALA B 118 13.73 3.68 33.16
N SER B 119 13.23 3.76 31.92
CA SER B 119 13.95 3.21 30.73
C SER B 119 15.20 4.03 30.43
N ILE B 120 15.08 5.35 30.46
CA ILE B 120 16.26 6.23 30.25
C ILE B 120 17.30 5.98 31.36
N ASN B 121 16.89 5.85 32.63
CA ASN B 121 17.84 6.04 33.77
C ASN B 121 18.69 4.77 34.01
N ASP B 125 24.55 3.39 31.23
CA ASP B 125 25.22 3.81 29.96
C ASP B 125 25.56 2.60 29.06
N ASP B 126 25.69 1.40 29.62
CA ASP B 126 26.17 0.20 28.91
C ASP B 126 24.99 -0.67 28.48
N VAL B 127 23.79 -0.27 28.85
CA VAL B 127 22.54 -0.95 28.45
C VAL B 127 21.78 -0.11 27.43
N VAL B 128 21.34 -0.77 26.36
CA VAL B 128 20.62 -0.14 25.22
C VAL B 128 19.20 -0.68 25.25
N VAL B 129 18.22 0.20 25.53
CA VAL B 129 16.76 -0.09 25.48
C VAL B 129 16.28 0.06 24.04
N HIS B 130 15.89 -1.02 23.40
CA HIS B 130 15.40 -0.95 21.99
C HIS B 130 13.91 -0.58 22.01
N GLU B 131 13.18 -1.05 23.04
CA GLU B 131 11.73 -0.97 23.09
C GLU B 131 11.19 0.39 23.56
N LYS B 132 10.58 1.09 22.64
CA LYS B 132 9.74 2.24 22.91
C LYS B 132 8.33 1.78 23.26
N LEU B 133 7.51 2.70 23.72
CA LEU B 133 6.12 2.42 24.10
C LEU B 133 5.19 3.07 23.10
N TYR B 134 4.15 2.35 22.77
CA TYR B 134 3.14 2.76 21.78
C TYR B 134 1.79 2.99 22.41
N GLY B 135 1.12 4.03 21.93
CA GLY B 135 -0.25 4.33 22.29
C GLY B 135 -1.13 4.62 21.11
N LEU B 136 -2.43 4.54 21.36
CA LEU B 136 -3.42 4.82 20.31
C LEU B 136 -3.48 6.33 20.01
N THR B 137 -3.91 6.61 18.79
CA THR B 137 -4.17 7.96 18.26
C THR B 137 -5.62 8.03 17.81
N ASN B 138 -6.07 9.21 17.36
CA ASN B 138 -7.44 9.30 16.82
C ASN B 138 -7.67 8.27 15.69
N SER B 139 -6.71 8.08 14.82
CA SER B 139 -6.91 7.13 13.69
CA SER B 139 -6.86 7.11 13.69
C SER B 139 -6.95 5.70 14.22
N SER B 140 -6.03 5.31 15.10
CA SER B 140 -5.98 3.91 15.50
C SER B 140 -7.12 3.58 16.48
N CYS B 141 -7.72 4.53 17.18
CA CYS B 141 -8.94 4.25 18.01
CA CYS B 141 -8.88 4.13 18.04
C CYS B 141 -10.06 3.68 17.16
N CYS B 142 -10.10 4.04 15.89
CA CYS B 142 -11.11 3.55 14.95
C CYS B 142 -10.85 2.12 14.48
N LEU B 143 -9.77 1.52 14.95
CA LEU B 143 -9.37 0.13 14.65
C LEU B 143 -9.53 -0.77 15.85
N VAL B 144 -10.17 -0.27 16.91
CA VAL B 144 -10.44 -1.05 18.13
C VAL B 144 -11.90 -1.47 18.09
N PRO B 145 -12.19 -2.78 18.00
CA PRO B 145 -13.56 -3.26 18.06
C PRO B 145 -14.21 -2.75 19.35
N ARG B 146 -15.39 -2.17 19.20
CA ARG B 146 -16.11 -1.64 20.37
C ARG B 146 -16.45 -2.74 21.36
N GLN B 147 -16.37 -2.41 22.64
CA GLN B 147 -16.61 -3.41 23.71
C GLN B 147 -18.02 -3.98 23.55
N GLU B 148 -19.00 -3.16 23.17
CA GLU B 148 -20.43 -3.57 23.22
C GLU B 148 -20.80 -4.46 22.03
N ASP B 149 -20.22 -4.28 20.85
CA ASP B 149 -20.72 -4.98 19.62
C ASP B 149 -19.62 -5.27 18.58
N GLY B 150 -18.36 -5.00 18.87
CA GLY B 150 -17.25 -5.36 17.98
C GLY B 150 -17.06 -4.45 16.78
N VAL B 151 -17.82 -3.40 16.66
CA VAL B 151 -17.77 -2.56 15.47
C VAL B 151 -16.48 -1.73 15.44
N SER B 152 -15.93 -1.56 14.25
CA SER B 152 -14.81 -0.65 13.98
C SER B 152 -14.67 -0.51 12.47
N LEU B 153 -13.64 0.17 12.01
CA LEU B 153 -13.30 0.21 10.58
C LEU B 153 -12.48 -0.99 10.14
N VAL B 154 -12.13 -1.91 11.03
CA VAL B 154 -11.26 -3.03 10.62
C VAL B 154 -11.85 -3.79 9.42
N GLU B 155 -13.12 -4.19 9.48
CA GLU B 155 -13.61 -5.11 8.44
C GLU B 155 -13.58 -4.41 7.08
N GLU B 156 -13.95 -3.15 6.98
CA GLU B 156 -13.93 -2.48 5.67
C GLU B 156 -12.49 -2.33 5.18
N LEU B 157 -11.56 -1.99 6.10
CA LEU B 157 -10.15 -1.82 5.68
C LEU B 157 -9.52 -3.17 5.31
N LEU B 158 -9.94 -4.25 5.95
CA LEU B 158 -9.46 -5.59 5.51
C LEU B 158 -10.01 -5.97 4.16
N PHE B 159 -11.19 -5.51 3.82
CA PHE B 159 -11.72 -5.73 2.45
C PHE B 159 -10.94 -4.91 1.44
N THR B 160 -10.74 -3.61 1.70
CA THR B 160 -10.13 -2.80 0.64
C THR B 160 -8.66 -3.06 0.42
N SER B 161 -8.02 -3.74 1.38
CA SER B 161 -6.63 -4.22 1.17
C SER B 161 -6.61 -5.73 0.98
N ASP B 162 -7.75 -6.39 0.76
CA ASP B 162 -7.72 -7.85 0.52
C ASP B 162 -6.94 -8.14 -0.77
N LYS B 163 -6.39 -9.34 -0.83
N LYS B 163 -6.37 -9.35 -0.84
CA LYS B 163 -5.67 -9.73 -2.04
CA LYS B 163 -5.66 -9.81 -2.04
C LYS B 163 -6.57 -9.63 -3.29
C LYS B 163 -6.56 -9.66 -3.28
N VAL B 164 -7.84 -9.91 -3.17
CA VAL B 164 -8.72 -9.87 -4.40
CA VAL B 164 -8.69 -9.87 -4.40
C VAL B 164 -8.77 -8.43 -4.94
N VAL B 165 -8.76 -7.47 -4.05
CA VAL B 165 -8.84 -6.04 -4.42
C VAL B 165 -7.48 -5.60 -4.90
N VAL B 166 -6.43 -5.93 -4.16
CA VAL B 166 -5.09 -5.50 -4.59
C VAL B 166 -4.74 -6.12 -5.93
N ASP B 167 -5.11 -7.38 -6.14
CA ASP B 167 -4.84 -8.01 -7.45
C ASP B 167 -5.56 -7.26 -8.57
N SER B 168 -6.75 -6.76 -8.33
CA SER B 168 -7.47 -5.90 -9.29
C SER B 168 -6.71 -4.61 -9.52
N PHE B 169 -6.24 -4.00 -8.44
CA PHE B 169 -5.44 -2.78 -8.58
C PHE B 169 -4.17 -3.00 -9.41
N PHE B 170 -3.55 -4.19 -9.37
CA PHE B 170 -2.38 -4.47 -10.22
C PHE B 170 -2.72 -4.37 -11.71
N LYS B 171 -4.00 -4.46 -12.07
CA LYS B 171 -4.43 -4.34 -13.47
C LYS B 171 -5.08 -2.98 -13.72
N LEU B 172 -4.98 -2.00 -12.82
CA LEU B 172 -5.68 -0.70 -12.98
C LEU B 172 -5.38 -0.03 -14.33
N LYS B 173 -4.15 -0.12 -14.81
CA LYS B 173 -3.80 0.57 -16.06
C LYS B 173 -4.66 0.11 -17.23
N CYS B 174 -5.23 -1.08 -17.16
CA CYS B 174 -6.01 -1.63 -18.29
CA CYS B 174 -6.05 -1.62 -18.28
C CYS B 174 -7.22 -0.71 -18.61
N VAL B 175 -7.79 0.02 -17.64
CA VAL B 175 -8.97 0.87 -17.92
C VAL B 175 -8.58 2.01 -18.85
N VAL B 176 -7.32 2.41 -18.78
CA VAL B 176 -6.87 3.52 -19.64
C VAL B 176 -6.53 2.99 -21.01
N GLU B 177 -5.88 1.83 -21.08
CA GLU B 177 -5.33 1.29 -22.33
C GLU B 177 -6.39 0.62 -23.21
N GLU B 178 -7.35 -0.04 -22.58
CA GLU B 178 -8.22 -1.03 -23.29
C GLU B 178 -9.67 -0.61 -23.13
N LYS B 179 -10.35 -0.32 -24.21
CA LYS B 179 -11.80 -0.02 -24.18
C LYS B 179 -12.53 -1.18 -23.50
N ASP B 180 -13.45 -0.86 -22.61
CA ASP B 180 -14.34 -1.86 -21.97
C ASP B 180 -13.61 -2.91 -21.09
N SER B 181 -12.34 -2.72 -20.73
CA SER B 181 -11.65 -3.62 -19.76
C SER B 181 -12.07 -3.21 -18.35
N VAL B 182 -12.15 -4.19 -17.46
CA VAL B 182 -12.42 -3.95 -16.01
C VAL B 182 -11.30 -4.63 -15.26
N PRO B 183 -10.51 -3.91 -14.42
CA PRO B 183 -9.34 -4.53 -13.78
C PRO B 183 -9.67 -5.84 -13.04
N PHE B 184 -10.79 -5.87 -12.31
CA PHE B 184 -11.17 -7.10 -11.57
C PHE B 184 -11.32 -8.27 -12.55
N GLU B 185 -11.98 -8.06 -13.68
CA GLU B 185 -12.17 -9.11 -14.70
C GLU B 185 -10.83 -9.53 -15.29
N VAL B 186 -9.92 -8.59 -15.53
CA VAL B 186 -8.58 -8.95 -16.05
C VAL B 186 -7.86 -9.84 -15.01
N ALA B 187 -8.00 -9.53 -13.73
CA ALA B 187 -7.29 -10.23 -12.65
C ALA B 187 -7.92 -11.60 -12.36
N HIS B 188 -9.25 -11.71 -12.47
CA HIS B 188 -9.94 -12.88 -11.88
C HIS B 188 -10.81 -13.67 -12.89
N GLY B 189 -11.06 -13.17 -14.10
CA GLY B 189 -11.78 -13.91 -15.13
C GLY B 189 -13.28 -13.88 -14.96
N ALA B 190 -13.77 -12.99 -14.14
CA ALA B 190 -15.20 -12.85 -13.85
C ALA B 190 -15.42 -11.49 -13.23
N LYS B 191 -16.64 -11.00 -13.30
CA LYS B 191 -17.04 -9.76 -12.61
C LYS B 191 -17.24 -10.05 -11.11
N ILE B 192 -17.22 -9.00 -10.32
CA ILE B 192 -17.04 -9.17 -8.85
C ILE B 192 -18.22 -9.92 -8.23
N PHE B 193 -19.46 -9.58 -8.59
CA PHE B 193 -20.60 -10.23 -7.93
C PHE B 193 -20.76 -11.69 -8.38
N GLU B 194 -20.40 -11.97 -9.61
CA GLU B 194 -20.37 -13.35 -10.14
C GLU B 194 -19.25 -14.13 -9.44
N TYR B 195 -18.09 -13.52 -9.29
CA TYR B 195 -16.97 -14.14 -8.59
C TYR B 195 -17.34 -14.48 -7.15
N ALA B 196 -18.02 -13.57 -6.45
CA ALA B 196 -18.42 -13.76 -5.04
C ALA B 196 -19.27 -15.04 -4.93
N ALA B 197 -20.07 -15.37 -5.93
CA ALA B 197 -20.95 -16.56 -5.85
C ALA B 197 -20.13 -17.86 -5.91
N THR B 198 -18.87 -17.79 -6.38
CA THR B 198 -17.96 -18.96 -6.54
C THR B 198 -16.91 -19.05 -5.44
N GLU B 199 -16.73 -17.99 -4.65
CA GLU B 199 -15.58 -17.83 -3.74
C GLU B 199 -16.09 -17.40 -2.35
N PRO B 200 -16.37 -18.37 -1.48
CA PRO B 200 -16.96 -18.09 -0.19
C PRO B 200 -16.13 -17.20 0.76
N ARG B 201 -14.80 -17.26 0.67
CA ARG B 201 -13.95 -16.39 1.52
C ARG B 201 -14.13 -14.95 1.08
N MET B 202 -14.03 -14.68 -0.22
CA MET B 202 -14.19 -13.26 -0.69
CA MET B 202 -14.20 -13.30 -0.72
C MET B 202 -15.61 -12.80 -0.36
N ASN B 203 -16.61 -13.65 -0.54
CA ASN B 203 -18.01 -13.29 -0.26
C ASN B 203 -18.05 -12.79 1.19
N GLN B 204 -17.49 -13.55 2.12
CA GLN B 204 -17.50 -13.20 3.55
C GLN B 204 -16.78 -11.88 3.81
N VAL B 205 -15.57 -11.74 3.27
CA VAL B 205 -14.79 -10.51 3.51
C VAL B 205 -15.55 -9.27 3.01
N PHE B 206 -16.13 -9.37 1.85
CA PHE B 206 -16.85 -8.26 1.23
C PHE B 206 -18.10 -7.99 2.08
N ASN B 207 -18.89 -9.05 2.32
CA ASN B 207 -20.17 -8.87 3.04
C ASN B 207 -19.97 -8.29 4.42
N ASP B 208 -18.96 -8.76 5.12
CA ASP B 208 -18.67 -8.27 6.49
C ASP B 208 -18.11 -6.84 6.45
N GLY B 209 -17.29 -6.53 5.47
CA GLY B 209 -16.79 -5.18 5.30
C GLY B 209 -17.91 -4.17 5.09
N MET B 210 -18.87 -4.53 4.25
CA MET B 210 -20.01 -3.65 4.04
C MET B 210 -20.86 -3.57 5.29
N ALA B 211 -21.11 -4.69 5.94
CA ALA B 211 -22.09 -4.73 7.04
C ALA B 211 -21.58 -3.90 8.22
N VAL B 212 -20.34 -4.10 8.62
CA VAL B 212 -19.85 -3.39 9.82
C VAL B 212 -19.72 -1.90 9.50
N PHE B 213 -19.20 -1.57 8.31
CA PHE B 213 -19.12 -0.15 7.89
C PHE B 213 -20.53 0.47 7.91
N SER B 214 -21.54 -0.30 7.49
CA SER B 214 -22.96 0.14 7.47
CA SER B 214 -22.91 0.22 7.46
C SER B 214 -23.39 0.60 8.86
N ILE B 215 -22.98 -0.14 9.88
CA ILE B 215 -23.40 0.21 11.24
C ILE B 215 -22.86 1.60 11.60
N VAL B 216 -21.59 1.83 11.32
CA VAL B 216 -20.94 3.12 11.59
C VAL B 216 -21.71 4.24 10.84
N VAL B 217 -21.98 4.01 9.57
CA VAL B 217 -22.67 5.04 8.75
C VAL B 217 -24.09 5.31 9.27
N PHE B 218 -24.86 4.27 9.62
CA PHE B 218 -26.24 4.52 10.08
C PHE B 218 -26.27 5.22 11.44
N GLU B 219 -25.24 5.03 12.28
CA GLU B 219 -25.19 5.79 13.53
C GLU B 219 -25.13 7.27 13.18
N ALA B 220 -24.35 7.61 12.16
CA ALA B 220 -24.25 9.02 11.73
C ALA B 220 -25.57 9.49 11.10
N VAL B 221 -26.17 8.68 10.25
CA VAL B 221 -27.43 9.03 9.59
C VAL B 221 -28.48 9.34 10.68
N PHE B 222 -28.64 8.47 11.66
CA PHE B 222 -29.74 8.59 12.65
C PHE B 222 -29.57 9.87 13.49
N ARG B 223 -28.36 10.43 13.59
CA ARG B 223 -28.14 11.67 14.39
C ARG B 223 -28.71 12.90 13.64
N VAL B 224 -28.87 12.83 12.31
CA VAL B 224 -29.13 14.02 11.44
C VAL B 224 -30.49 13.87 10.74
N TYR B 225 -30.81 12.66 10.24
CA TYR B 225 -31.89 12.43 9.27
C TYR B 225 -33.12 11.89 9.99
N ASP B 226 -34.28 12.46 9.74
CA ASP B 226 -35.50 12.02 10.45
C ASP B 226 -36.50 11.40 9.47
N GLY B 227 -36.12 11.07 8.23
CA GLY B 227 -37.08 10.65 7.19
C GLY B 227 -37.60 9.23 7.39
N PHE B 228 -37.07 8.44 8.32
CA PHE B 228 -37.59 7.06 8.55
C PHE B 228 -38.81 7.03 9.46
N LEU B 229 -38.95 8.05 10.30
CA LEU B 229 -39.90 8.13 11.45
C LEU B 229 -41.32 7.77 10.99
N ASP B 230 -41.76 8.28 9.84
CA ASP B 230 -43.16 8.11 9.36
C ASP B 230 -43.30 6.85 8.48
N MET B 231 -42.26 6.08 8.22
CA MET B 231 -42.36 4.93 7.29
C MET B 231 -43.00 3.71 7.97
N LYS B 232 -43.71 2.88 7.21
CA LYS B 232 -44.29 1.60 7.73
C LYS B 232 -43.57 0.40 7.09
N GLU B 233 -42.79 0.62 6.04
CA GLU B 233 -42.12 -0.50 5.35
C GLU B 233 -40.91 0.08 4.63
N LEU B 234 -39.81 -0.66 4.63
CA LEU B 234 -38.60 -0.23 3.92
C LEU B 234 -37.96 -1.45 3.29
N LEU B 235 -37.73 -1.35 2.00
CA LEU B 235 -37.07 -2.40 1.22
C LEU B 235 -35.66 -1.93 0.90
N ASP B 236 -34.66 -2.68 1.36
CA ASP B 236 -33.25 -2.38 1.06
C ASP B 236 -32.82 -3.15 -0.18
N VAL B 237 -32.68 -2.41 -1.27
CA VAL B 237 -32.39 -2.97 -2.59
C VAL B 237 -30.88 -3.10 -2.71
N GLY B 238 -30.38 -4.32 -2.87
CA GLY B 238 -28.93 -4.54 -2.74
C GLY B 238 -28.47 -4.35 -1.33
N GLY B 239 -29.27 -4.83 -0.36
CA GLY B 239 -29.05 -4.56 1.07
C GLY B 239 -27.96 -5.39 1.72
N GLY B 240 -27.28 -6.22 0.98
CA GLY B 240 -26.22 -7.05 1.57
C GLY B 240 -26.82 -8.14 2.42
N ILE B 241 -26.17 -8.41 3.55
CA ILE B 241 -26.69 -9.44 4.47
C ILE B 241 -27.80 -8.91 5.36
N GLY B 242 -28.24 -7.68 5.21
CA GLY B 242 -29.40 -7.19 5.95
C GLY B 242 -29.10 -6.37 7.16
N THR B 243 -27.83 -6.11 7.43
CA THR B 243 -27.44 -5.35 8.61
C THR B 243 -28.09 -3.97 8.62
N SER B 244 -28.05 -3.26 7.50
CA SER B 244 -28.58 -1.88 7.41
C SER B 244 -30.05 -1.87 7.78
N VAL B 245 -30.86 -2.73 7.16
CA VAL B 245 -32.29 -2.67 7.47
C VAL B 245 -32.54 -3.21 8.88
N SER B 246 -31.68 -4.09 9.42
CA SER B 246 -31.85 -4.56 10.82
CA SER B 246 -31.83 -4.57 10.82
C SER B 246 -31.70 -3.36 11.76
N LYS B 247 -30.75 -2.49 11.48
CA LYS B 247 -30.48 -1.31 12.37
C LYS B 247 -31.62 -0.28 12.24
N ILE B 248 -32.15 -0.11 11.03
CA ILE B 248 -33.28 0.82 10.82
C ILE B 248 -34.51 0.31 11.60
N VAL B 249 -34.82 -0.98 11.50
CA VAL B 249 -35.99 -1.57 12.21
C VAL B 249 -35.76 -1.51 13.72
N ALA B 250 -34.52 -1.68 14.18
CA ALA B 250 -34.23 -1.60 15.62
C ALA B 250 -34.51 -0.17 16.12
N LYS B 251 -34.19 0.85 15.34
CA LYS B 251 -34.36 2.28 15.72
C LYS B 251 -35.84 2.67 15.58
N TYR B 252 -36.50 2.13 14.57
CA TYR B 252 -37.89 2.49 14.19
C TYR B 252 -38.71 1.21 14.07
N PRO B 253 -39.20 0.70 15.21
CA PRO B 253 -39.82 -0.62 15.24
C PRO B 253 -41.17 -0.79 14.54
N LEU B 254 -41.80 0.29 14.10
CA LEU B 254 -43.04 0.22 13.30
C LEU B 254 -42.69 -0.12 11.84
N ILE B 255 -41.40 -0.08 11.46
CA ILE B 255 -41.02 -0.37 10.05
C ILE B 255 -40.92 -1.87 9.85
N ARG B 256 -41.64 -2.39 8.85
CA ARG B 256 -41.48 -3.76 8.35
C ARG B 256 -40.27 -3.74 7.40
N GLY B 257 -39.20 -4.45 7.74
CA GLY B 257 -37.96 -4.40 6.97
C GLY B 257 -37.89 -5.54 5.99
N VAL B 258 -37.43 -5.24 4.79
CA VAL B 258 -37.21 -6.27 3.76
C VAL B 258 -35.81 -6.05 3.20
N ASN B 259 -35.03 -7.12 3.15
CA ASN B 259 -33.66 -7.07 2.58
C ASN B 259 -33.65 -7.85 1.27
N PHE B 260 -33.15 -7.24 0.22
CA PHE B 260 -33.14 -7.86 -1.11
C PHE B 260 -31.74 -7.85 -1.68
N ASP B 261 -31.24 -9.01 -2.07
CA ASP B 261 -29.88 -9.15 -2.63
C ASP B 261 -29.79 -10.41 -3.46
N LEU B 262 -28.61 -10.71 -3.97
CA LEU B 262 -28.36 -11.87 -4.84
C LEU B 262 -28.43 -13.15 -4.01
N PRO B 263 -28.73 -14.27 -4.68
CA PRO B 263 -28.82 -15.55 -3.97
C PRO B 263 -27.62 -15.91 -3.09
N HIS B 264 -26.40 -15.63 -3.55
CA HIS B 264 -25.22 -16.05 -2.76
C HIS B 264 -24.98 -15.18 -1.52
N VAL B 265 -25.61 -14.03 -1.48
CA VAL B 265 -25.56 -13.16 -0.29
C VAL B 265 -26.69 -13.58 0.66
N ILE B 266 -27.88 -13.71 0.15
CA ILE B 266 -29.02 -14.12 1.01
C ILE B 266 -28.74 -15.47 1.66
N SER B 267 -28.06 -16.39 0.97
CA SER B 267 -27.82 -17.73 1.56
CA SER B 267 -27.76 -17.73 1.53
C SER B 267 -26.97 -17.67 2.84
N VAL B 268 -26.17 -16.62 3.01
CA VAL B 268 -25.28 -16.50 4.20
C VAL B 268 -25.78 -15.41 5.14
N ALA B 269 -26.93 -14.80 4.87
CA ALA B 269 -27.40 -13.69 5.69
C ALA B 269 -27.93 -14.23 7.02
N PRO B 270 -27.62 -13.56 8.14
CA PRO B 270 -28.20 -13.94 9.40
C PRO B 270 -29.71 -13.69 9.46
N GLN B 271 -30.38 -14.35 10.40
CA GLN B 271 -31.77 -14.08 10.82
C GLN B 271 -31.65 -12.80 11.65
N TYR B 272 -32.27 -11.71 11.24
CA TYR B 272 -32.31 -10.45 11.99
C TYR B 272 -33.75 -10.19 12.38
N PRO B 273 -33.96 -9.71 13.62
CA PRO B 273 -35.31 -9.32 14.05
C PRO B 273 -35.94 -8.28 13.12
N GLY B 274 -37.15 -8.56 12.68
CA GLY B 274 -37.96 -7.62 11.89
C GLY B 274 -37.51 -7.49 10.44
N VAL B 275 -36.70 -8.43 9.97
CA VAL B 275 -36.21 -8.42 8.58
C VAL B 275 -36.59 -9.71 7.86
N GLU B 276 -37.20 -9.56 6.70
CA GLU B 276 -37.49 -10.64 5.75
C GLU B 276 -36.46 -10.55 4.62
N HIS B 277 -35.86 -11.67 4.27
CA HIS B 277 -34.88 -11.73 3.16
C HIS B 277 -35.58 -12.16 1.86
N VAL B 278 -35.15 -11.51 0.76
CA VAL B 278 -35.62 -11.80 -0.60
C VAL B 278 -34.40 -11.90 -1.50
N ALA B 279 -34.28 -12.99 -2.25
CA ALA B 279 -33.19 -13.18 -3.21
C ALA B 279 -33.71 -12.86 -4.61
N GLY B 280 -32.87 -12.21 -5.40
CA GLY B 280 -33.20 -11.99 -6.81
C GLY B 280 -32.15 -11.18 -7.52
N ASP B 281 -32.58 -10.49 -8.53
CA ASP B 281 -31.71 -9.68 -9.40
C ASP B 281 -32.37 -8.32 -9.61
N MET B 282 -31.83 -7.29 -9.02
CA MET B 282 -32.46 -5.95 -9.03
C MET B 282 -32.58 -5.39 -10.44
N PHE B 283 -31.80 -5.86 -11.41
CA PHE B 283 -31.95 -5.37 -12.79
C PHE B 283 -33.11 -6.08 -13.53
N GLU B 284 -33.61 -7.20 -12.99
CA GLU B 284 -34.76 -7.95 -13.56
C GLU B 284 -36.07 -7.47 -12.91
N GLU B 285 -36.12 -7.45 -11.57
CA GLU B 285 -37.37 -7.16 -10.84
C GLU B 285 -37.02 -6.82 -9.40
N VAL B 286 -37.56 -5.72 -8.95
CA VAL B 286 -37.48 -5.28 -7.54
C VAL B 286 -38.82 -5.59 -6.87
N PRO B 287 -38.80 -6.19 -5.66
CA PRO B 287 -40.06 -6.40 -4.93
C PRO B 287 -40.83 -5.08 -4.70
N LYS B 288 -42.16 -5.16 -4.66
CA LYS B 288 -42.99 -4.04 -4.24
C LYS B 288 -42.54 -3.66 -2.84
N GLY B 289 -42.41 -2.37 -2.60
CA GLY B 289 -42.24 -1.83 -1.25
C GLY B 289 -42.67 -0.39 -1.18
N GLN B 290 -43.05 0.02 0.02
CA GLN B 290 -43.59 1.37 0.24
C GLN B 290 -42.50 2.43 0.07
N ASN B 291 -41.28 2.11 0.48
CA ASN B 291 -40.09 2.95 0.42
C ASN B 291 -38.91 2.05 0.13
N MET B 292 -37.87 2.61 -0.46
CA MET B 292 -36.66 1.81 -0.81
C MET B 292 -35.41 2.56 -0.41
N LEU B 293 -34.39 1.77 -0.16
CA LEU B 293 -33.04 2.25 0.13
C LEU B 293 -32.09 1.64 -0.90
N LEU B 294 -31.23 2.49 -1.41
CA LEU B 294 -30.08 2.10 -2.24
C LEU B 294 -28.83 2.70 -1.63
N LYS B 295 -28.13 1.91 -0.84
CA LYS B 295 -26.90 2.40 -0.19
C LYS B 295 -25.72 1.70 -0.83
N TRP B 296 -24.80 2.48 -1.34
CA TRP B 296 -23.57 1.90 -1.93
C TRP B 296 -23.90 0.94 -3.06
N VAL B 297 -24.94 1.26 -3.81
CA VAL B 297 -25.36 0.45 -4.96
C VAL B 297 -25.10 1.27 -6.24
N LEU B 298 -25.72 2.44 -6.39
CA LEU B 298 -25.56 3.19 -7.65
C LEU B 298 -24.10 3.43 -8.01
N HIS B 299 -23.24 3.59 -7.02
CA HIS B 299 -21.84 3.93 -7.33
C HIS B 299 -21.11 2.78 -8.02
N ALA B 300 -21.65 1.58 -8.03
CA ALA B 300 -20.96 0.46 -8.71
C ALA B 300 -21.27 0.40 -10.21
N TRP B 301 -22.22 1.18 -10.68
CA TRP B 301 -22.77 0.99 -12.04
C TRP B 301 -22.76 2.25 -12.87
N GLY B 302 -22.67 2.04 -14.17
CA GLY B 302 -22.75 3.16 -15.08
C GLY B 302 -24.16 3.72 -15.21
N ASP B 303 -24.29 4.81 -15.96
CA ASP B 303 -25.55 5.57 -15.98
C ASP B 303 -26.70 4.74 -16.52
N GLU B 304 -26.54 4.01 -17.62
CA GLU B 304 -27.69 3.27 -18.20
C GLU B 304 -28.20 2.22 -17.19
N ARG B 305 -27.27 1.52 -16.55
N ARG B 305 -27.28 1.54 -16.53
CA ARG B 305 -27.64 0.48 -15.55
CA ARG B 305 -27.65 0.48 -15.56
C ARG B 305 -28.33 1.16 -14.37
C ARG B 305 -28.33 1.16 -14.37
N CYS B 306 -27.81 2.29 -13.92
CA CYS B 306 -28.45 3.00 -12.79
C CYS B 306 -29.88 3.42 -13.15
N VAL B 307 -30.12 3.93 -14.35
CA VAL B 307 -31.49 4.32 -14.76
C VAL B 307 -32.36 3.09 -14.84
N LYS B 308 -31.86 1.99 -15.37
CA LYS B 308 -32.68 0.76 -15.44
C LYS B 308 -33.09 0.35 -14.02
N LEU B 309 -32.13 0.31 -13.10
CA LEU B 309 -32.45 -0.07 -11.72
C LEU B 309 -33.45 0.91 -11.11
N LEU B 310 -33.21 2.20 -11.29
CA LEU B 310 -34.14 3.22 -10.69
C LEU B 310 -35.55 3.13 -11.30
N LYS B 311 -35.68 2.78 -12.57
CA LYS B 311 -37.01 2.59 -13.18
C LYS B 311 -37.68 1.36 -12.56
N ASN B 312 -36.90 0.30 -12.28
CA ASN B 312 -37.46 -0.88 -11.62
C ASN B 312 -37.93 -0.52 -10.22
N CYS B 313 -37.20 0.32 -9.53
CA CYS B 313 -37.63 0.80 -8.22
C CYS B 313 -38.91 1.64 -8.38
N TRP B 314 -38.94 2.56 -9.33
CA TRP B 314 -40.12 3.43 -9.55
C TRP B 314 -41.36 2.54 -9.74
N ASN B 315 -41.24 1.51 -10.57
N ASN B 315 -41.26 1.50 -10.56
CA ASN B 315 -42.36 0.60 -10.93
CA ASN B 315 -42.43 0.66 -10.88
C ASN B 315 -42.89 -0.13 -9.68
C ASN B 315 -42.88 -0.19 -9.70
N SER B 316 -42.01 -0.39 -8.71
CA SER B 316 -42.35 -1.15 -7.50
C SER B 316 -42.74 -0.25 -6.33
N LEU B 317 -42.68 1.07 -6.47
CA LEU B 317 -43.09 2.02 -5.42
C LEU B 317 -44.51 2.49 -5.64
N PRO B 318 -45.22 2.80 -4.56
CA PRO B 318 -46.53 3.40 -4.68
C PRO B 318 -46.39 4.89 -4.99
N VAL B 319 -47.47 5.51 -5.48
CA VAL B 319 -47.54 7.00 -5.52
C VAL B 319 -47.22 7.51 -4.11
N GLY B 320 -46.34 8.50 -3.96
CA GLY B 320 -45.95 9.02 -2.63
C GLY B 320 -44.81 8.25 -1.96
N GLY B 321 -44.38 7.16 -2.54
CA GLY B 321 -43.18 6.47 -2.06
C GLY B 321 -41.90 7.24 -2.34
N LYS B 322 -40.83 6.83 -1.66
CA LYS B 322 -39.52 7.42 -1.98
C LYS B 322 -38.44 6.37 -1.98
N VAL B 323 -37.39 6.65 -2.73
N VAL B 323 -37.38 6.69 -2.74
CA VAL B 323 -36.14 5.87 -2.62
CA VAL B 323 -36.09 5.98 -2.77
C VAL B 323 -35.08 6.80 -2.06
C VAL B 323 -35.08 6.85 -2.05
N LEU B 324 -34.35 6.27 -1.10
CA LEU B 324 -33.23 6.97 -0.46
C LEU B 324 -31.95 6.45 -1.07
N ILE B 325 -31.11 7.33 -1.53
CA ILE B 325 -29.76 6.99 -1.98
C ILE B 325 -28.80 7.39 -0.86
N ILE B 326 -27.97 6.45 -0.40
CA ILE B 326 -26.94 6.80 0.59
C ILE B 326 -25.60 6.51 -0.05
N GLU B 327 -24.80 7.56 -0.19
CA GLU B 327 -23.50 7.51 -0.88
C GLU B 327 -22.59 8.62 -0.29
N PHE B 328 -21.30 8.43 -0.43
CA PHE B 328 -20.32 9.53 -0.29
C PHE B 328 -20.36 10.30 -1.61
N VAL B 329 -20.80 11.52 -1.54
CA VAL B 329 -21.01 12.38 -2.73
C VAL B 329 -19.69 13.06 -3.10
N LEU B 330 -19.35 13.04 -4.37
CA LEU B 330 -18.17 13.75 -4.87
C LEU B 330 -18.43 15.24 -4.70
N PRO B 331 -17.58 15.99 -3.99
CA PRO B 331 -17.80 17.42 -3.88
C PRO B 331 -17.65 18.11 -5.24
N ASN B 332 -18.31 19.24 -5.39
CA ASN B 332 -18.26 19.99 -6.67
C ASN B 332 -16.85 20.47 -6.92
N GLU B 333 -16.07 20.78 -5.86
CA GLU B 333 -14.65 21.14 -6.00
C GLU B 333 -13.85 20.28 -5.02
N LEU B 334 -12.90 19.50 -5.52
CA LEU B 334 -12.08 18.64 -4.66
C LEU B 334 -11.06 19.48 -3.94
N GLY B 335 -10.75 19.04 -2.71
CA GLY B 335 -9.68 19.60 -1.88
C GLY B 335 -9.05 18.56 -0.94
N ASN B 336 -8.26 19.08 0.01
CA ASN B 336 -7.54 18.35 1.06
C ASN B 336 -8.42 18.30 2.29
N ASN B 337 -9.39 17.42 2.21
CA ASN B 337 -10.36 17.27 3.31
C ASN B 337 -10.96 15.87 3.24
N ALA B 338 -11.58 15.49 4.33
CA ALA B 338 -12.20 14.17 4.47
C ALA B 338 -13.29 13.97 3.42
N GLU B 339 -14.08 14.98 3.16
CA GLU B 339 -15.20 14.86 2.19
C GLU B 339 -14.64 14.47 0.82
N SER B 340 -13.58 15.09 0.41
CA SER B 340 -12.96 14.78 -0.88
C SER B 340 -12.42 13.36 -0.84
N PHE B 341 -11.60 13.00 0.14
CA PHE B 341 -11.02 11.63 0.15
C PHE B 341 -12.11 10.57 0.35
N ASN B 342 -13.15 10.85 1.11
CA ASN B 342 -14.20 9.86 1.32
C ASN B 342 -14.86 9.50 -0.02
N ALA B 343 -14.84 10.41 -0.99
CA ALA B 343 -15.33 10.09 -2.35
C ALA B 343 -14.24 9.52 -3.24
N LEU B 344 -13.03 10.05 -3.16
CA LEU B 344 -11.95 9.56 -4.05
C LEU B 344 -11.57 8.10 -3.76
N ILE B 345 -11.61 7.68 -2.51
CA ILE B 345 -11.25 6.29 -2.15
C ILE B 345 -12.17 5.33 -2.90
N PRO B 346 -13.51 5.35 -2.67
CA PRO B 346 -14.37 4.45 -3.40
C PRO B 346 -14.42 4.74 -4.91
N ASP B 347 -14.13 5.95 -5.34
CA ASP B 347 -14.06 6.19 -6.78
C ASP B 347 -12.96 5.33 -7.41
N LEU B 348 -11.80 5.25 -6.76
CA LEU B 348 -10.68 4.43 -7.30
C LEU B 348 -11.02 2.95 -7.15
N LEU B 349 -11.57 2.55 -6.03
CA LEU B 349 -11.92 1.13 -5.81
C LEU B 349 -12.96 0.71 -6.86
N LEU B 350 -13.99 1.48 -7.09
CA LEU B 350 -15.04 1.00 -8.01
C LEU B 350 -14.50 1.01 -9.45
N MET B 351 -13.60 1.93 -9.79
CA MET B 351 -12.97 1.91 -11.11
C MET B 351 -12.30 0.55 -11.32
N ALA B 352 -11.63 0.05 -10.29
CA ALA B 352 -10.96 -1.26 -10.39
C ALA B 352 -11.95 -2.43 -10.37
N LEU B 353 -13.03 -2.31 -9.61
CA LEU B 353 -13.83 -3.46 -9.22
C LEU B 353 -15.03 -3.74 -10.13
N ASN B 354 -15.67 -2.76 -10.75
CA ASN B 354 -16.91 -3.07 -11.49
C ASN B 354 -17.05 -2.15 -12.68
N PRO B 355 -17.60 -2.63 -13.82
CA PRO B 355 -17.76 -1.76 -14.99
C PRO B 355 -18.68 -0.58 -14.69
N GLY B 356 -18.24 0.60 -15.07
CA GLY B 356 -19.05 1.82 -14.96
C GLY B 356 -19.08 2.44 -13.59
N GLY B 357 -18.52 1.80 -12.58
CA GLY B 357 -18.66 2.28 -11.21
C GLY B 357 -17.86 3.57 -11.02
N LYS B 358 -18.44 4.51 -10.30
CA LYS B 358 -17.84 5.82 -10.06
C LYS B 358 -18.63 6.59 -9.01
N GLU B 359 -17.96 7.54 -8.37
CA GLU B 359 -18.62 8.47 -7.47
C GLU B 359 -19.19 9.63 -8.29
N ARG B 360 -20.27 10.19 -7.78
CA ARG B 360 -21.05 11.21 -8.50
C ARG B 360 -21.27 12.43 -7.61
N THR B 361 -21.48 13.56 -8.27
CA THR B 361 -21.90 14.82 -7.64
C THR B 361 -23.41 14.80 -7.39
N ILE B 362 -23.86 15.75 -6.60
CA ILE B 362 -25.33 15.90 -6.36
C ILE B 362 -26.02 16.04 -7.73
N SER B 363 -25.54 16.92 -8.61
CA SER B 363 -26.15 17.13 -9.93
CA SER B 363 -26.20 17.13 -9.92
C SER B 363 -26.26 15.81 -10.70
N GLU B 364 -25.22 15.01 -10.66
CA GLU B 364 -25.20 13.73 -11.40
C GLU B 364 -26.24 12.78 -10.80
N TYR B 365 -26.38 12.72 -9.48
CA TYR B 365 -27.42 11.86 -8.89
C TYR B 365 -28.81 12.39 -9.26
N ASP B 366 -29.00 13.70 -9.23
CA ASP B 366 -30.31 14.30 -9.61
C ASP B 366 -30.68 13.86 -11.04
N ASP B 367 -29.72 13.90 -11.94
CA ASP B 367 -29.95 13.54 -13.35
C ASP B 367 -30.42 12.09 -13.46
N LEU B 368 -29.81 11.19 -12.70
CA LEU B 368 -30.21 9.77 -12.74
C LEU B 368 -31.65 9.65 -12.25
N GLY B 369 -31.98 10.28 -11.12
CA GLY B 369 -33.35 10.15 -10.58
C GLY B 369 -34.36 10.70 -11.55
N LYS B 370 -34.03 11.83 -12.17
CA LYS B 370 -34.99 12.52 -13.08
C LYS B 370 -35.21 11.62 -14.30
N ALA B 371 -34.16 11.01 -14.80
CA ALA B 371 -34.27 10.12 -15.99
C ALA B 371 -35.17 8.92 -15.71
N ALA B 372 -35.21 8.47 -14.47
CA ALA B 372 -36.01 7.32 -14.08
C ALA B 372 -37.44 7.69 -13.66
N GLY B 373 -37.81 8.96 -13.73
CA GLY B 373 -39.18 9.36 -13.43
C GLY B 373 -39.40 9.97 -12.08
N PHE B 374 -38.39 10.07 -11.25
CA PHE B 374 -38.52 10.70 -9.93
C PHE B 374 -38.56 12.23 -10.07
N ILE B 375 -39.15 12.80 -9.04
CA ILE B 375 -39.28 14.25 -8.85
C ILE B 375 -38.76 14.60 -7.43
N LYS B 376 -38.67 15.85 -7.15
CA LYS B 376 -38.43 16.39 -5.79
C LYS B 376 -37.21 15.73 -5.18
N THR B 377 -36.04 15.90 -5.80
CA THR B 377 -34.76 15.42 -5.22
C THR B 377 -34.42 16.28 -4.01
N ILE B 378 -34.10 15.64 -2.88
CA ILE B 378 -33.72 16.35 -1.64
C ILE B 378 -32.40 15.80 -1.16
N PRO B 379 -31.29 16.55 -1.36
CA PRO B 379 -30.00 16.11 -0.84
C PRO B 379 -29.88 16.55 0.61
N ILE B 380 -29.47 15.62 1.45
CA ILE B 380 -29.33 15.83 2.90
C ILE B 380 -27.92 15.47 3.32
N PRO B 381 -27.05 16.45 3.59
CA PRO B 381 -25.71 16.16 4.09
C PRO B 381 -25.81 15.50 5.48
N ILE B 382 -25.02 14.48 5.70
CA ILE B 382 -24.93 13.80 7.01
C ILE B 382 -23.59 14.12 7.66
N SER B 383 -22.50 13.66 7.06
CA SER B 383 -21.17 13.76 7.71
C SER B 383 -20.08 13.58 6.67
N ASN B 384 -19.15 14.53 6.54
CA ASN B 384 -17.90 14.30 5.79
C ASN B 384 -18.18 13.72 4.38
N GLY B 385 -19.22 14.21 3.71
CA GLY B 385 -19.52 13.84 2.34
C GLY B 385 -20.64 12.83 2.25
N LEU B 386 -20.86 12.06 3.30
CA LEU B 386 -21.98 11.10 3.30
C LEU B 386 -23.27 11.90 3.21
N HIS B 387 -24.12 11.52 2.30
CA HIS B 387 -25.47 12.13 2.14
C HIS B 387 -26.54 11.06 2.12
N VAL B 388 -27.75 11.47 2.46
CA VAL B 388 -29.01 10.81 2.05
C VAL B 388 -29.58 11.69 0.97
N ILE B 389 -29.86 11.08 -0.19
CA ILE B 389 -30.55 11.83 -1.27
C ILE B 389 -31.92 11.17 -1.45
N GLU B 390 -32.97 11.91 -1.20
CA GLU B 390 -34.33 11.38 -1.39
C GLU B 390 -34.82 11.64 -2.81
N PHE B 391 -35.30 10.60 -3.48
CA PHE B 391 -36.01 10.68 -4.78
C PHE B 391 -37.47 10.35 -4.50
N HIS B 392 -38.39 11.23 -4.87
CA HIS B 392 -39.81 11.02 -4.65
C HIS B 392 -40.51 10.56 -5.92
N LYS B 393 -41.38 9.57 -5.79
CA LYS B 393 -42.27 9.22 -6.90
C LYS B 393 -43.47 10.18 -6.96
C1 SLX C . 15.25 -0.37 -0.97
C2 SLX C . 13.99 -0.04 -1.45
C3 SLX C . 13.37 1.15 -1.13
C5 SLX C . 14.04 2.09 -0.31
C8 SLX C . 15.31 1.77 0.14
C9 SLX C . 15.94 0.57 -0.17
C10 SLX C . 17.34 0.27 0.25
C11 SLX C . 17.98 -0.78 -0.59
N12 SLX C . 17.09 -1.95 -0.62
C14 SLX C . 15.86 -1.71 -1.30
C16 SLX C . 14.90 -2.86 -0.99
C17 SLX C . 15.53 -4.23 -1.10
C25 SLX C . 14.80 -5.40 -1.10
C24 SLX C . 15.38 -6.67 -1.12
C21 SLX C . 16.74 -6.76 -1.11
O22 SLX C . 17.42 -7.94 -1.13
C23 SLX C . 16.66 -9.16 -1.11
C19 SLX C . 17.58 -5.60 -1.15
O20 SLX C . 18.92 -5.67 -1.18
C18 SLX C . 16.93 -4.31 -1.19
C13 SLX C . 17.77 -3.08 -1.24
O6 SLX C . 13.39 3.25 -0.05
C7 SLX C . 14.02 4.12 0.82
O4 SLX C . 12.17 1.52 -1.67
N SAH D . 25.03 -4.67 -4.60
CA SAH D . 23.90 -4.47 -5.58
CB SAH D . 22.82 -5.58 -5.48
CG SAH D . 22.14 -5.58 -4.13
SD SAH D . 20.83 -6.83 -4.02
C SAH D . 23.31 -3.14 -5.43
O SAH D . 22.52 -2.63 -6.27
OXT SAH D . 23.61 -2.50 -4.34
C5' SAH D . 21.67 -8.22 -3.36
C4' SAH D . 22.54 -9.03 -4.35
O4' SAH D . 23.10 -10.12 -3.58
C3' SAH D . 21.73 -9.69 -5.46
O3' SAH D . 22.22 -9.34 -6.75
C2' SAH D . 21.87 -11.19 -5.16
O2' SAH D . 21.74 -12.05 -6.30
C1' SAH D . 23.23 -11.21 -4.45
N9 SAH D . 23.44 -12.48 -3.71
C8 SAH D . 22.54 -13.08 -2.87
N7 SAH D . 23.11 -14.21 -2.36
C5 SAH D . 24.34 -14.34 -2.92
C6 SAH D . 25.38 -15.28 -2.82
N6 SAH D . 25.26 -16.37 -2.05
N1 SAH D . 26.49 -15.05 -3.53
C2 SAH D . 26.59 -13.96 -4.30
N3 SAH D . 25.67 -13.03 -4.47
C4 SAH D . 24.55 -13.23 -3.77
C1 SLX E . -15.72 2.16 0.69
C2 SLX E . -14.47 1.87 1.23
C3 SLX E . -13.69 2.79 1.86
C5 SLX E . -14.17 4.12 1.93
C8 SLX E . -15.44 4.45 1.48
C9 SLX E . -16.24 3.48 0.85
C10 SLX E . -17.64 3.82 0.43
C11 SLX E . -18.45 2.56 0.38
N12 SLX E . -17.80 1.63 -0.56
C14 SLX E . -16.57 1.10 0.07
C16 SLX E . -15.78 0.40 -1.05
C17 SLX E . -16.63 -0.50 -1.95
C25 SLX E . -16.06 -1.40 -2.84
C24 SLX E . -16.84 -2.17 -3.67
C21 SLX E . -18.19 -2.04 -3.64
O22 SLX E . -19.03 -2.74 -4.48
C23 SLX E . -18.45 -3.64 -5.45
C19 SLX E . -18.82 -1.16 -2.77
O20 SLX E . -20.17 -0.98 -2.75
C18 SLX E . -18.06 -0.38 -1.87
C13 SLX E . -18.70 0.54 -0.88
O6 SLX E . -13.30 5.01 2.57
C7 SLX E . -13.74 6.37 2.67
O4 SLX E . -12.47 2.47 2.41
N SAH F . -26.35 -1.84 0.70
CA SAH F . -25.27 -2.62 1.39
CB SAH F . -24.34 -3.44 0.45
CG SAH F . -23.54 -2.58 -0.49
SD SAH F . -22.49 -3.49 -1.59
C SAH F . -24.49 -1.67 2.19
O SAH F . -24.55 -0.45 1.99
OXT SAH F . -23.68 -2.14 3.10
C5' SAH F . -23.48 -3.79 -3.01
C4' SAH F . -24.57 -4.91 -2.87
O4' SAH F . -25.21 -4.99 -4.13
C3' SAH F . -24.00 -6.32 -2.64
O3' SAH F . -24.51 -6.92 -1.46
C2' SAH F . -24.31 -7.08 -3.93
O2' SAH F . -24.45 -8.49 -3.80
C1' SAH F . -25.54 -6.33 -4.34
N9 SAH F . -25.91 -6.56 -5.73
C8 SAH F . -25.04 -6.54 -6.79
N7 SAH F . -25.72 -6.78 -7.96
C5 SAH F . -26.99 -7.11 -7.58
C6 SAH F . -28.18 -7.48 -8.29
N6 SAH F . -28.14 -7.67 -9.62
N1 SAH F . -29.33 -7.67 -7.58
C2 SAH F . -29.31 -7.48 -6.27
N3 SAH F . -28.26 -7.16 -5.50
C4 SAH F . -27.10 -6.95 -6.17
#